data_7E76
#
_entry.id   7E76
#
_cell.length_a   73.387
_cell.length_b   73.387
_cell.length_c   360.262
_cell.angle_alpha   90.000
_cell.angle_beta   90.000
_cell.angle_gamma   120.000
#
_symmetry.space_group_name_H-M   'P 61'
#
loop_
_entity.id
_entity.type
_entity.pdbx_description
1 polymer 'Glucose-6-phosphate isomerase'
2 water water
#
_entity_poly.entity_id   1
_entity_poly.type   'polypeptide(L)'
_entity_poly.pdbx_seq_one_letter_code
;ASRAPGQGGGAAVEKDPIKLWDRYVEWLYQHKQLGLFVDVSRMGFTDDFLLQMEPLMQRAFVAMGELEKGAIANPDEGRM
VGHYWLRDPGLAPNSFLRTKIEKTVDHILAFSQDIVSGKIKPPSSQAGRFTQILSIGIGGSSLGPQFVSEALAPDNPPLK
IRFIDNTDPAGIDHQIAQLGEELKSTLVIVISKSGGTPETRNGLLEVQKAFRDAGLDFSKQGVAITQENSLLDNTARIEG
WLDRFPMFDWVGGRTSELSAVGLLPAALQGIDVKEMLVGAALMDEETRNTVVKENPAALLALSWYWATDGIGSKDMVVLP
YKDSLLLLSRYLQQLVMESLGKEFDLDGNRVNQGLTVYGNKGSTDQHAYIQQLREGVHNFFVTFIEVLRDRPPGHDWELE
PGVTCGDYLFGMLQGTRSALYSNDRESISVTVEEVTPRAVGALVALYERAVGIYASLVNINAYHQPGVEAGKKAAGEVLA
LQKRVLTVLNEASCKDPAEPLTLEQIADRCHCPEDIEMIYKIIQHMAANDRALIAEGSCGSPRSVKVYLGECNVDDV
;
_entity_poly.pdbx_strand_id   A,B
#
# COMPACT_ATOMS: atom_id res chain seq x y z
N LEU A 20 12.36 32.11 3.47
CA LEU A 20 11.52 31.02 2.99
C LEU A 20 10.14 31.51 2.55
N TRP A 21 9.70 32.62 3.13
CA TRP A 21 8.46 33.25 2.68
C TRP A 21 8.64 33.87 1.30
N ASP A 22 9.74 34.61 1.09
CA ASP A 22 9.99 35.18 -0.23
C ASP A 22 10.18 34.09 -1.27
N ARG A 23 10.79 32.97 -0.89
CA ARG A 23 10.95 31.85 -1.81
C ARG A 23 9.60 31.20 -2.12
N TYR A 24 8.72 31.10 -1.12
CA TYR A 24 7.42 30.49 -1.35
C TYR A 24 6.58 31.34 -2.30
N VAL A 25 6.65 32.68 -2.17
CA VAL A 25 5.84 33.54 -3.03
C VAL A 25 6.42 33.59 -4.44
N GLU A 26 7.75 33.50 -4.58
CA GLU A 26 8.36 33.61 -5.90
C GLU A 26 8.10 32.37 -6.76
N TRP A 27 7.95 31.20 -6.15
CA TRP A 27 7.83 29.96 -6.91
C TRP A 27 6.44 29.34 -6.88
N LEU A 28 5.50 29.90 -6.12
CA LEU A 28 4.19 29.27 -5.98
C LEU A 28 3.46 29.25 -7.32
N TYR A 29 3.11 28.04 -7.78
CA TYR A 29 2.29 27.89 -8.96
C TYR A 29 0.83 27.74 -8.55
N GLN A 30 -0.04 28.53 -9.18
CA GLN A 30 -1.47 28.48 -8.92
C GLN A 30 -2.20 28.37 -10.24
N HIS A 31 -3.13 27.41 -10.33
CA HIS A 31 -3.98 27.28 -11.51
C HIS A 31 -5.35 27.86 -11.19
N LYS A 32 -5.81 28.79 -12.03
CA LYS A 32 -7.02 29.55 -11.74
C LYS A 32 -8.24 28.64 -11.64
N GLN A 33 -8.51 27.87 -12.71
CA GLN A 33 -9.76 27.12 -12.78
C GLN A 33 -9.76 25.93 -11.83
N LEU A 34 -8.74 25.06 -11.92
CA LEU A 34 -8.76 23.79 -11.21
C LEU A 34 -8.60 23.95 -9.70
N GLY A 35 -8.08 25.08 -9.24
CA GLY A 35 -7.77 25.22 -7.82
C GLY A 35 -6.66 24.31 -7.37
N LEU A 36 -5.66 24.10 -8.23
CA LEU A 36 -4.51 23.24 -7.93
C LEU A 36 -3.27 24.11 -7.76
N PHE A 37 -2.43 23.74 -6.79
CA PHE A 37 -1.26 24.53 -6.43
C PHE A 37 -0.05 23.62 -6.33
N VAL A 38 1.11 24.14 -6.72
CA VAL A 38 2.38 23.42 -6.65
C VAL A 38 3.39 24.28 -5.93
N ASP A 39 3.92 23.78 -4.81
CA ASP A 39 4.90 24.47 -4.00
C ASP A 39 6.21 23.68 -4.01
N VAL A 40 7.27 24.30 -4.50
CA VAL A 40 8.59 23.69 -4.55
C VAL A 40 9.62 24.52 -3.77
N SER A 41 9.16 25.41 -2.90
CA SER A 41 10.09 26.25 -2.14
C SER A 41 10.93 25.43 -1.17
N ARG A 42 10.39 24.30 -0.69
CA ARG A 42 11.15 23.41 0.18
C ARG A 42 12.06 22.46 -0.58
N MET A 43 12.28 22.71 -1.86
CA MET A 43 13.33 22.06 -2.64
C MET A 43 14.49 23.03 -2.76
N GLY A 44 15.71 22.55 -2.51
CA GLY A 44 16.85 23.43 -2.41
C GLY A 44 17.61 23.67 -3.69
N PHE A 45 16.92 23.72 -4.83
CA PHE A 45 17.62 23.94 -6.09
C PHE A 45 18.21 25.36 -6.13
N THR A 46 19.39 25.47 -6.75
CA THR A 46 20.17 26.70 -6.72
C THR A 46 19.86 27.58 -7.92
N ASP A 47 20.49 28.75 -7.94
CA ASP A 47 20.28 29.70 -9.04
C ASP A 47 20.85 29.16 -10.35
N ASP A 48 22.11 28.70 -10.33
CA ASP A 48 22.76 28.18 -11.52
C ASP A 48 22.11 26.90 -12.02
N PHE A 49 21.47 26.13 -11.13
CA PHE A 49 20.81 24.90 -11.55
C PHE A 49 19.65 25.18 -12.51
N LEU A 50 18.97 26.33 -12.33
CA LEU A 50 17.88 26.68 -13.24
C LEU A 50 18.40 27.00 -14.64
N LEU A 51 19.50 27.76 -14.70
CA LEU A 51 20.06 28.10 -16.00
C LEU A 51 20.67 26.88 -16.69
N GLN A 52 21.25 25.97 -15.91
CA GLN A 52 21.84 24.77 -16.51
C GLN A 52 20.77 23.82 -17.05
N MET A 53 19.57 23.82 -16.45
CA MET A 53 18.49 22.96 -16.89
C MET A 53 17.59 23.61 -17.94
N GLU A 54 17.87 24.86 -18.32
CA GLU A 54 17.00 25.53 -19.29
C GLU A 54 17.10 24.93 -20.69
N PRO A 55 18.29 24.66 -21.24
CA PRO A 55 18.34 24.07 -22.59
C PRO A 55 17.69 22.69 -22.67
N LEU A 56 17.85 21.87 -21.63
CA LEU A 56 17.25 20.54 -21.63
C LEU A 56 15.73 20.62 -21.50
N MET A 57 15.22 21.62 -20.78
CA MET A 57 13.77 21.76 -20.67
C MET A 57 13.15 22.16 -22.01
N GLN A 58 13.84 23.00 -22.79
CA GLN A 58 13.33 23.36 -24.09
C GLN A 58 13.29 22.15 -25.03
N ARG A 59 14.30 21.27 -24.91
CA ARG A 59 14.31 20.04 -25.70
C ARG A 59 13.16 19.13 -25.30
N ALA A 60 12.79 19.13 -24.02
CA ALA A 60 11.67 18.30 -23.57
C ALA A 60 10.34 18.83 -24.09
N PHE A 61 10.20 20.16 -24.20
CA PHE A 61 8.95 20.71 -24.69
C PHE A 61 8.80 20.49 -26.20
N VAL A 62 9.91 20.49 -26.94
CA VAL A 62 9.82 20.25 -28.38
C VAL A 62 9.58 18.76 -28.65
N ALA A 63 10.24 17.88 -27.89
CA ALA A 63 9.99 16.46 -28.05
C ALA A 63 8.57 16.09 -27.67
N MET A 64 8.03 16.73 -26.62
CA MET A 64 6.65 16.49 -26.23
C MET A 64 5.67 17.10 -27.22
N GLY A 65 6.07 18.19 -27.88
CA GLY A 65 5.20 18.79 -28.89
C GLY A 65 5.00 17.88 -30.09
N GLU A 66 6.07 17.21 -30.53
CA GLU A 66 5.96 16.27 -31.64
C GLU A 66 5.31 14.96 -31.22
N LEU A 67 5.32 14.63 -29.93
CA LEU A 67 4.60 13.46 -29.45
C LEU A 67 3.10 13.63 -29.64
N GLU A 68 2.57 14.80 -29.29
CA GLU A 68 1.15 15.06 -29.45
C GLU A 68 0.75 15.20 -30.91
N LYS A 69 1.70 15.57 -31.79
CA LYS A 69 1.40 15.70 -33.21
C LYS A 69 1.30 14.37 -33.92
N GLY A 70 1.67 13.27 -33.26
CA GLY A 70 1.57 11.95 -33.83
C GLY A 70 2.87 11.29 -34.20
N ALA A 71 4.01 11.88 -33.86
CA ALA A 71 5.29 11.27 -34.18
C ALA A 71 5.49 9.99 -33.38
N ILE A 72 6.42 9.17 -33.85
CA ILE A 72 6.75 7.93 -33.15
C ILE A 72 7.62 8.32 -31.96
N ALA A 73 6.99 8.48 -30.79
CA ALA A 73 7.69 8.81 -29.56
C ALA A 73 8.06 7.58 -28.76
N ASN A 74 7.66 6.40 -29.22
CA ASN A 74 8.06 5.12 -28.65
C ASN A 74 8.79 4.36 -29.76
N PRO A 75 10.06 4.71 -30.01
CA PRO A 75 10.80 4.03 -31.10
C PRO A 75 11.02 2.56 -30.85
N ASP A 76 11.00 2.12 -29.58
CA ASP A 76 11.33 0.74 -29.29
C ASP A 76 10.22 -0.21 -29.74
N GLU A 77 8.97 0.19 -29.55
CA GLU A 77 7.84 -0.60 -30.03
C GLU A 77 7.29 -0.08 -31.35
N GLY A 78 7.89 0.98 -31.90
CA GLY A 78 7.44 1.54 -33.16
C GLY A 78 6.01 2.06 -33.14
N ARG A 79 5.62 2.74 -32.08
CA ARG A 79 4.23 3.15 -31.88
C ARG A 79 4.17 4.62 -31.49
N MET A 80 3.01 5.22 -31.77
CA MET A 80 2.74 6.56 -31.29
C MET A 80 2.45 6.53 -29.79
N VAL A 81 2.53 7.71 -29.19
CA VAL A 81 2.20 7.90 -27.78
C VAL A 81 1.11 8.96 -27.73
N GLY A 82 -0.14 8.53 -27.67
CA GLY A 82 -1.24 9.47 -27.77
C GLY A 82 -2.23 9.42 -26.63
N HIS A 83 -1.74 9.21 -25.39
CA HIS A 83 -2.65 9.25 -24.27
C HIS A 83 -3.12 10.66 -23.93
N TYR A 84 -2.57 11.67 -24.61
CA TYR A 84 -3.08 13.03 -24.49
C TYR A 84 -4.26 13.28 -25.42
N TRP A 85 -4.46 12.45 -26.45
CA TRP A 85 -5.63 12.58 -27.30
C TRP A 85 -6.89 12.06 -26.63
N LEU A 86 -6.76 11.20 -25.62
CA LEU A 86 -7.92 10.64 -24.95
C LEU A 86 -8.76 11.71 -24.25
N ARG A 87 -8.11 12.78 -23.81
CA ARG A 87 -8.77 13.90 -23.15
C ARG A 87 -8.94 15.10 -24.06
N ASP A 88 -8.22 15.15 -25.19
CA ASP A 88 -8.37 16.21 -26.17
C ASP A 88 -8.49 15.56 -27.54
N PRO A 89 -9.70 15.17 -27.95
CA PRO A 89 -9.85 14.45 -29.23
C PRO A 89 -9.43 15.27 -30.44
N GLY A 90 -9.50 16.59 -30.37
CA GLY A 90 -9.09 17.41 -31.51
C GLY A 90 -7.63 17.25 -31.86
N LEU A 91 -6.80 16.98 -30.85
CA LEU A 91 -5.33 16.93 -31.03
C LEU A 91 -4.96 15.60 -31.66
N ALA A 92 -5.91 14.68 -31.75
CA ALA A 92 -5.65 13.43 -32.47
C ALA A 92 -5.41 13.79 -33.93
N PRO A 93 -4.41 13.22 -34.61
CA PRO A 93 -4.08 13.65 -35.96
C PRO A 93 -5.07 13.41 -37.13
N ASN A 94 -5.75 12.25 -37.18
CA ASN A 94 -6.61 11.90 -38.33
C ASN A 94 -8.07 11.76 -37.91
N SER A 95 -9.00 11.79 -38.87
CA SER A 95 -10.41 11.82 -38.51
C SER A 95 -10.86 10.50 -37.92
N PHE A 96 -10.29 9.39 -38.40
CA PHE A 96 -10.66 8.08 -37.87
C PHE A 96 -10.32 7.94 -36.39
N LEU A 97 -9.41 8.77 -35.88
CA LEU A 97 -9.04 8.71 -34.47
C LEU A 97 -9.82 9.69 -33.61
N ARG A 98 -10.06 10.90 -34.11
CA ARG A 98 -10.86 11.86 -33.35
C ARG A 98 -12.27 11.34 -33.12
N THR A 99 -12.88 10.74 -34.14
CA THR A 99 -14.23 10.23 -33.97
C THR A 99 -14.26 8.92 -33.19
N LYS A 100 -13.23 8.09 -33.34
CA LYS A 100 -13.16 6.85 -32.57
C LYS A 100 -13.08 7.13 -31.08
N ILE A 101 -12.26 8.11 -30.68
CA ILE A 101 -12.16 8.45 -29.27
C ILE A 101 -13.47 9.03 -28.77
N GLU A 102 -14.13 9.86 -29.58
CA GLU A 102 -15.37 10.50 -29.16
C GLU A 102 -16.52 9.49 -29.08
N LYS A 103 -16.58 8.55 -30.02
CA LYS A 103 -17.64 7.55 -29.99
C LYS A 103 -17.47 6.56 -28.85
N THR A 104 -16.25 6.39 -28.34
CA THR A 104 -16.07 5.49 -27.20
C THR A 104 -16.55 6.13 -25.90
N VAL A 105 -16.28 7.43 -25.73
CA VAL A 105 -16.78 8.13 -24.55
C VAL A 105 -18.31 8.09 -24.53
N ASP A 106 -18.94 8.39 -25.66
CA ASP A 106 -20.40 8.30 -25.72
C ASP A 106 -20.88 6.88 -25.55
N HIS A 107 -20.11 5.90 -26.03
CA HIS A 107 -20.49 4.51 -25.85
C HIS A 107 -20.43 4.10 -24.38
N ILE A 108 -19.42 4.58 -23.65
CA ILE A 108 -19.32 4.29 -22.22
C ILE A 108 -20.45 4.96 -21.46
N LEU A 109 -20.73 6.23 -21.77
CA LEU A 109 -21.81 6.94 -21.08
C LEU A 109 -23.16 6.29 -21.33
N ALA A 110 -23.41 5.83 -22.56
CA ALA A 110 -24.67 5.17 -22.86
C ALA A 110 -24.80 3.85 -22.11
N PHE A 111 -23.75 3.02 -22.15
CA PHE A 111 -23.81 1.71 -21.49
C PHE A 111 -23.81 1.84 -19.97
N SER A 112 -23.12 2.85 -19.44
CA SER A 112 -23.09 3.05 -17.99
C SER A 112 -24.48 3.40 -17.46
N GLN A 113 -25.15 4.35 -18.10
CA GLN A 113 -26.47 4.76 -17.66
C GLN A 113 -27.50 3.64 -17.84
N ASP A 114 -27.27 2.70 -18.76
CA ASP A 114 -28.17 1.57 -18.91
C ASP A 114 -28.00 0.55 -17.78
N ILE A 115 -26.79 0.42 -17.24
CA ILE A 115 -26.58 -0.50 -16.13
C ILE A 115 -27.07 0.11 -14.82
N VAL A 116 -26.79 1.40 -14.59
CA VAL A 116 -27.18 2.03 -13.34
C VAL A 116 -28.70 2.10 -13.23
N SER A 117 -29.36 2.60 -14.27
CA SER A 117 -30.82 2.71 -14.25
C SER A 117 -31.52 1.37 -14.34
N GLY A 118 -30.78 0.27 -14.49
CA GLY A 118 -31.37 -1.05 -14.56
C GLY A 118 -32.01 -1.41 -15.88
N LYS A 119 -31.77 -0.64 -16.94
CA LYS A 119 -32.35 -1.00 -18.23
C LYS A 119 -31.74 -2.28 -18.77
N ILE A 120 -30.45 -2.49 -18.54
CA ILE A 120 -29.78 -3.75 -18.86
C ILE A 120 -29.65 -4.54 -17.56
N LYS A 121 -30.30 -5.70 -17.50
CA LYS A 121 -30.39 -6.49 -16.30
C LYS A 121 -29.65 -7.81 -16.44
N PRO A 122 -29.30 -8.46 -15.33
CA PRO A 122 -28.93 -9.87 -15.39
C PRO A 122 -30.15 -10.72 -15.63
N PRO A 123 -29.98 -11.94 -16.14
CA PRO A 123 -31.17 -12.76 -16.49
C PRO A 123 -32.13 -12.96 -15.33
N SER A 124 -31.61 -13.33 -14.15
CA SER A 124 -32.47 -13.55 -12.99
C SER A 124 -31.66 -13.28 -11.74
N SER A 125 -32.02 -12.22 -11.01
CA SER A 125 -31.37 -11.86 -9.76
C SER A 125 -32.41 -11.36 -8.79
N GLN A 126 -31.99 -11.20 -7.53
CA GLN A 126 -32.89 -10.70 -6.50
C GLN A 126 -33.21 -9.22 -6.69
N ALA A 127 -32.18 -8.41 -6.97
CA ALA A 127 -32.39 -6.98 -7.17
C ALA A 127 -32.93 -6.65 -8.55
N GLY A 128 -32.82 -7.55 -9.51
CA GLY A 128 -33.24 -7.24 -10.87
C GLY A 128 -32.19 -6.54 -11.69
N ARG A 129 -31.60 -5.48 -11.16
CA ARG A 129 -30.52 -4.76 -11.81
C ARG A 129 -29.17 -5.28 -11.34
N PHE A 130 -28.12 -4.89 -12.07
CA PHE A 130 -26.76 -5.18 -11.62
C PHE A 130 -26.43 -4.33 -10.40
N THR A 131 -25.75 -4.92 -9.42
CA THR A 131 -25.37 -4.22 -8.21
C THR A 131 -23.91 -4.35 -7.83
N GLN A 132 -23.14 -5.23 -8.48
CA GLN A 132 -21.74 -5.45 -8.15
C GLN A 132 -20.92 -5.48 -9.43
N ILE A 133 -19.64 -5.14 -9.28
CA ILE A 133 -18.68 -5.09 -10.39
C ILE A 133 -17.47 -5.92 -10.00
N LEU A 134 -17.08 -6.85 -10.87
CA LEU A 134 -15.89 -7.67 -10.66
C LEU A 134 -14.95 -7.36 -11.81
N SER A 135 -14.07 -6.39 -11.60
CA SER A 135 -13.14 -5.98 -12.64
C SER A 135 -11.90 -6.87 -12.60
N ILE A 136 -11.62 -7.54 -13.71
CA ILE A 136 -10.47 -8.42 -13.84
C ILE A 136 -9.44 -7.74 -14.72
N GLY A 137 -8.26 -7.49 -14.16
CA GLY A 137 -7.21 -6.80 -14.88
C GLY A 137 -6.01 -6.63 -13.97
N ILE A 138 -4.87 -6.38 -14.60
CA ILE A 138 -3.60 -6.26 -13.88
C ILE A 138 -2.83 -5.06 -14.43
N GLY A 139 -1.91 -4.55 -13.61
CA GLY A 139 -1.14 -3.39 -14.02
C GLY A 139 -1.99 -2.14 -14.05
N GLY A 140 -1.84 -1.35 -15.12
CA GLY A 140 -2.64 -0.15 -15.28
C GLY A 140 -4.13 -0.42 -15.39
N SER A 141 -4.49 -1.64 -15.81
CA SER A 141 -5.89 -2.04 -15.91
C SER A 141 -6.57 -2.17 -14.55
N SER A 142 -5.81 -2.24 -13.47
CA SER A 142 -6.38 -2.27 -12.13
C SER A 142 -5.90 -1.14 -11.24
N LEU A 143 -4.60 -0.81 -11.26
CA LEU A 143 -4.08 0.22 -10.36
C LEU A 143 -4.78 1.56 -10.60
N GLY A 144 -5.06 1.88 -11.86
CA GLY A 144 -5.80 3.08 -12.18
C GLY A 144 -7.22 3.03 -11.67
N PRO A 145 -8.01 2.04 -12.11
CA PRO A 145 -9.40 1.93 -11.63
C PRO A 145 -9.54 1.79 -10.13
N GLN A 146 -8.59 1.13 -9.45
CA GLN A 146 -8.65 1.07 -7.99
C GLN A 146 -8.43 2.45 -7.38
N PHE A 147 -7.56 3.26 -7.99
CA PHE A 147 -7.27 4.58 -7.43
C PHE A 147 -8.47 5.52 -7.57
N VAL A 148 -9.07 5.57 -8.76
CA VAL A 148 -10.19 6.47 -8.99
C VAL A 148 -11.41 6.02 -8.18
N SER A 149 -11.61 4.71 -8.06
CA SER A 149 -12.74 4.21 -7.31
C SER A 149 -12.67 4.64 -5.85
N GLU A 150 -11.51 4.46 -5.21
CA GLU A 150 -11.39 4.86 -3.81
C GLU A 150 -11.41 6.38 -3.66
N ALA A 151 -11.03 7.10 -4.71
CA ALA A 151 -10.93 8.56 -4.61
C ALA A 151 -12.27 9.24 -4.82
N LEU A 152 -13.08 8.75 -5.76
CA LEU A 152 -14.23 9.51 -6.24
C LEU A 152 -15.57 8.79 -6.12
N ALA A 153 -15.59 7.61 -5.62
CA ALA A 153 -16.90 6.95 -5.66
C ALA A 153 -17.77 7.39 -4.49
N PRO A 154 -19.09 7.44 -4.69
CA PRO A 154 -20.00 7.74 -3.58
C PRO A 154 -19.89 6.70 -2.48
N ASP A 155 -20.35 7.08 -1.28
CA ASP A 155 -20.34 6.15 -0.14
C ASP A 155 -21.15 4.90 -0.44
N ASN A 156 -22.37 5.07 -0.90
CA ASN A 156 -23.21 3.95 -1.29
C ASN A 156 -23.46 4.04 -2.80
N PRO A 157 -22.53 3.58 -3.61
CA PRO A 157 -22.61 3.82 -5.06
C PRO A 157 -23.66 2.93 -5.70
N PRO A 158 -24.09 3.26 -6.93
CA PRO A 158 -25.05 2.39 -7.62
C PRO A 158 -24.56 0.96 -7.75
N LEU A 159 -23.26 0.76 -7.92
CA LEU A 159 -22.68 -0.57 -7.97
C LEU A 159 -21.41 -0.59 -7.14
N LYS A 160 -21.32 -1.54 -6.21
CA LYS A 160 -20.07 -1.82 -5.54
C LYS A 160 -19.08 -2.44 -6.51
N ILE A 161 -17.80 -2.38 -6.17
CA ILE A 161 -16.74 -2.88 -7.04
C ILE A 161 -15.79 -3.78 -6.24
N ARG A 162 -15.30 -4.83 -6.90
CA ARG A 162 -14.22 -5.68 -6.41
C ARG A 162 -13.25 -5.91 -7.56
N PHE A 163 -12.02 -6.26 -7.21
CA PHE A 163 -10.95 -6.38 -8.20
C PHE A 163 -10.28 -7.74 -8.12
N ILE A 164 -9.91 -8.26 -9.29
CA ILE A 164 -9.06 -9.44 -9.41
C ILE A 164 -7.81 -8.97 -10.13
N ASP A 165 -6.73 -8.77 -9.39
CA ASP A 165 -5.50 -8.19 -9.93
C ASP A 165 -4.30 -9.13 -9.80
N ASN A 166 -4.55 -10.43 -9.71
CA ASN A 166 -3.48 -11.38 -9.43
C ASN A 166 -3.91 -12.74 -9.98
N THR A 167 -2.99 -13.70 -9.90
CA THR A 167 -3.27 -15.08 -10.25
C THR A 167 -3.22 -15.99 -9.03
N ASP A 168 -3.53 -15.43 -7.86
CA ASP A 168 -3.59 -16.20 -6.64
C ASP A 168 -4.91 -16.94 -6.56
N PRO A 169 -4.91 -18.28 -6.50
CA PRO A 169 -6.19 -19.00 -6.43
C PRO A 169 -6.97 -18.70 -5.15
N ALA A 170 -6.28 -18.52 -4.03
CA ALA A 170 -6.99 -18.26 -2.78
C ALA A 170 -7.67 -16.89 -2.80
N GLY A 171 -7.05 -15.91 -3.45
CA GLY A 171 -7.65 -14.59 -3.53
C GLY A 171 -8.91 -14.57 -4.37
N ILE A 172 -8.90 -15.27 -5.51
CA ILE A 172 -10.08 -15.31 -6.35
C ILE A 172 -11.18 -16.12 -5.68
N ASP A 173 -10.83 -17.25 -5.07
CA ASP A 173 -11.81 -18.02 -4.31
C ASP A 173 -12.43 -17.18 -3.19
N HIS A 174 -11.59 -16.38 -2.52
CA HIS A 174 -12.09 -15.54 -1.43
C HIS A 174 -13.07 -14.49 -1.94
N GLN A 175 -12.78 -13.89 -3.10
CA GLN A 175 -13.70 -12.92 -3.68
C GLN A 175 -15.02 -13.57 -4.08
N ILE A 176 -14.95 -14.81 -4.58
CA ILE A 176 -16.17 -15.49 -5.01
C ILE A 176 -17.02 -15.86 -3.80
N ALA A 177 -16.37 -16.26 -2.70
CA ALA A 177 -17.10 -16.64 -1.50
C ALA A 177 -17.80 -15.44 -0.87
N GLN A 178 -17.11 -14.30 -0.78
CA GLN A 178 -17.74 -13.11 -0.23
C GLN A 178 -18.83 -12.58 -1.15
N LEU A 179 -18.64 -12.69 -2.47
CA LEU A 179 -19.69 -12.27 -3.40
C LEU A 179 -20.95 -13.11 -3.19
N GLY A 180 -20.78 -14.41 -2.93
CA GLY A 180 -21.88 -15.29 -2.57
C GLY A 180 -22.98 -15.41 -3.61
N GLU A 181 -24.16 -14.88 -3.28
CA GLU A 181 -25.36 -15.01 -4.10
C GLU A 181 -25.62 -13.77 -4.94
N GLU A 182 -24.82 -12.72 -4.80
CA GLU A 182 -24.88 -11.56 -5.67
C GLU A 182 -24.08 -11.76 -6.94
N LEU A 183 -23.43 -12.92 -7.08
CA LEU A 183 -22.81 -13.28 -8.35
C LEU A 183 -23.84 -13.25 -9.48
N LYS A 184 -25.09 -13.51 -9.12
CA LYS A 184 -26.26 -13.48 -10.02
C LYS A 184 -26.62 -12.04 -10.39
N SER A 185 -25.97 -11.08 -9.76
CA SER A 185 -26.16 -9.67 -10.08
C SER A 185 -24.83 -8.96 -10.26
N THR A 186 -23.77 -9.71 -10.58
CA THR A 186 -22.44 -9.15 -10.75
C THR A 186 -22.14 -8.97 -12.24
N LEU A 187 -21.66 -7.78 -12.61
CA LEU A 187 -21.22 -7.49 -13.97
C LEU A 187 -19.71 -7.60 -14.01
N VAL A 188 -19.20 -8.65 -14.66
CA VAL A 188 -17.77 -8.92 -14.71
C VAL A 188 -17.17 -8.15 -15.88
N ILE A 189 -16.06 -7.45 -15.61
CA ILE A 189 -15.35 -6.68 -16.61
C ILE A 189 -13.96 -7.28 -16.77
N VAL A 190 -13.60 -7.65 -17.99
CA VAL A 190 -12.29 -8.21 -18.29
C VAL A 190 -11.52 -7.19 -19.11
N ILE A 191 -10.40 -6.72 -18.54
CA ILE A 191 -9.60 -5.65 -19.15
C ILE A 191 -8.23 -6.22 -19.49
N SER A 192 -7.96 -6.34 -20.79
CA SER A 192 -6.68 -6.81 -21.28
C SER A 192 -6.57 -6.44 -22.75
N LYS A 193 -5.39 -5.95 -23.17
CA LYS A 193 -5.25 -5.49 -24.55
C LYS A 193 -5.32 -6.67 -25.53
N SER A 194 -4.72 -7.80 -25.16
CA SER A 194 -4.64 -8.95 -26.04
C SER A 194 -5.39 -10.17 -25.54
N GLY A 195 -5.58 -10.31 -24.22
CA GLY A 195 -6.12 -11.51 -23.66
C GLY A 195 -5.09 -12.59 -23.39
N GLY A 196 -3.81 -12.29 -23.57
CA GLY A 196 -2.75 -13.27 -23.36
C GLY A 196 -2.01 -13.08 -22.06
N THR A 197 -2.30 -11.99 -21.36
CA THR A 197 -1.71 -11.75 -20.05
C THR A 197 -2.03 -12.93 -19.13
N PRO A 198 -1.03 -13.64 -18.61
CA PRO A 198 -1.32 -14.87 -17.86
C PRO A 198 -2.23 -14.66 -16.66
N GLU A 199 -2.06 -13.56 -15.93
CA GLU A 199 -2.91 -13.34 -14.76
C GLU A 199 -4.35 -13.05 -15.17
N THR A 200 -4.54 -12.19 -16.17
CA THR A 200 -5.89 -11.83 -16.56
C THR A 200 -6.64 -13.01 -17.15
N ARG A 201 -5.95 -13.84 -17.94
CA ARG A 201 -6.60 -15.03 -18.49
C ARG A 201 -6.94 -16.03 -17.38
N ASN A 202 -6.03 -16.22 -16.43
CA ASN A 202 -6.32 -17.08 -15.30
C ASN A 202 -7.53 -16.60 -14.53
N GLY A 203 -7.64 -15.28 -14.34
CA GLY A 203 -8.79 -14.74 -13.63
C GLY A 203 -10.10 -15.04 -14.34
N LEU A 204 -10.15 -14.77 -15.65
CA LEU A 204 -11.37 -15.03 -16.41
C LEU A 204 -11.74 -16.52 -16.39
N LEU A 205 -10.73 -17.39 -16.51
CA LEU A 205 -10.99 -18.82 -16.48
C LEU A 205 -11.54 -19.26 -15.12
N GLU A 206 -11.02 -18.71 -14.03
CA GLU A 206 -11.51 -19.08 -12.71
C GLU A 206 -12.93 -18.55 -12.49
N VAL A 207 -13.22 -17.34 -12.97
CA VAL A 207 -14.55 -16.77 -12.76
C VAL A 207 -15.59 -17.49 -13.60
N GLN A 208 -15.23 -17.84 -14.84
CA GLN A 208 -16.15 -18.60 -15.69
C GLN A 208 -16.42 -19.99 -15.13
N LYS A 209 -15.43 -20.58 -14.45
CA LYS A 209 -15.69 -21.83 -13.74
C LYS A 209 -16.64 -21.62 -12.57
N ALA A 210 -16.57 -20.48 -11.91
CA ALA A 210 -17.50 -20.18 -10.82
C ALA A 210 -18.90 -19.90 -11.34
N PHE A 211 -19.01 -19.28 -12.52
CA PHE A 211 -20.33 -19.03 -13.10
C PHE A 211 -21.01 -20.33 -13.52
N ARG A 212 -20.24 -21.31 -13.97
CA ARG A 212 -20.86 -22.59 -14.33
C ARG A 212 -21.28 -23.36 -13.09
N ASP A 213 -20.52 -23.24 -12.00
CA ASP A 213 -20.87 -23.94 -10.78
C ASP A 213 -22.15 -23.37 -10.15
N ALA A 214 -22.43 -22.09 -10.39
CA ALA A 214 -23.68 -21.48 -9.95
C ALA A 214 -24.77 -21.54 -11.01
N GLY A 215 -24.51 -22.18 -12.15
CA GLY A 215 -25.50 -22.27 -13.21
C GLY A 215 -25.86 -20.93 -13.81
N LEU A 216 -24.85 -20.11 -14.09
CA LEU A 216 -25.06 -18.78 -14.63
C LEU A 216 -24.37 -18.65 -15.97
N ASP A 217 -25.03 -17.97 -16.91
CA ASP A 217 -24.46 -17.68 -18.22
C ASP A 217 -23.56 -16.46 -18.09
N PHE A 218 -22.24 -16.66 -18.20
CA PHE A 218 -21.29 -15.57 -18.01
C PHE A 218 -21.46 -14.49 -19.06
N SER A 219 -21.77 -14.89 -20.31
CA SER A 219 -21.84 -13.93 -21.40
C SER A 219 -22.86 -12.83 -21.12
N LYS A 220 -24.00 -13.20 -20.53
CA LYS A 220 -25.03 -12.22 -20.21
C LYS A 220 -24.66 -11.36 -19.02
N GLN A 221 -23.49 -11.58 -18.41
CA GLN A 221 -23.03 -10.74 -17.30
C GLN A 221 -21.56 -10.33 -17.46
N GLY A 222 -21.03 -10.33 -18.68
CA GLY A 222 -19.63 -10.05 -18.90
C GLY A 222 -19.42 -8.89 -19.86
N VAL A 223 -18.35 -8.14 -19.63
CA VAL A 223 -17.95 -7.02 -20.47
C VAL A 223 -16.45 -7.11 -20.73
N ALA A 224 -16.03 -6.75 -21.94
CA ALA A 224 -14.64 -6.84 -22.34
C ALA A 224 -14.13 -5.45 -22.75
N ILE A 225 -12.96 -5.10 -22.24
CA ILE A 225 -12.24 -3.89 -22.63
C ILE A 225 -10.93 -4.34 -23.27
N THR A 226 -10.84 -4.26 -24.59
CA THR A 226 -9.83 -4.99 -25.33
C THR A 226 -9.51 -4.25 -26.63
N GLN A 227 -8.33 -4.54 -27.17
CA GLN A 227 -7.97 -4.08 -28.51
C GLN A 227 -8.71 -4.89 -29.55
N GLU A 228 -8.86 -4.30 -30.74
CA GLU A 228 -9.64 -4.91 -31.81
C GLU A 228 -9.00 -6.21 -32.28
N ASN A 229 -9.85 -7.19 -32.57
CA ASN A 229 -9.45 -8.46 -33.21
C ASN A 229 -8.39 -9.20 -32.41
N SER A 230 -8.51 -9.16 -31.08
CA SER A 230 -7.58 -9.85 -30.21
C SER A 230 -8.24 -11.12 -29.66
N LEU A 231 -7.47 -11.88 -28.87
CA LEU A 231 -7.95 -13.14 -28.32
C LEU A 231 -9.14 -12.94 -27.39
N LEU A 232 -9.15 -11.84 -26.63
CA LEU A 232 -10.28 -11.53 -25.76
C LEU A 232 -11.44 -10.91 -26.53
N ASP A 233 -11.15 -10.12 -27.56
CA ASP A 233 -12.22 -9.56 -28.39
C ASP A 233 -12.97 -10.66 -29.13
N ASN A 234 -12.24 -11.60 -29.71
CA ASN A 234 -12.87 -12.71 -30.42
C ASN A 234 -13.70 -13.57 -29.47
N THR A 235 -13.18 -13.81 -28.26
CA THR A 235 -13.93 -14.60 -27.28
C THR A 235 -15.21 -13.88 -26.88
N ALA A 236 -15.13 -12.58 -26.62
CA ALA A 236 -16.32 -11.84 -26.23
C ALA A 236 -17.31 -11.72 -27.38
N ARG A 237 -16.80 -11.62 -28.61
CA ARG A 237 -17.69 -11.54 -29.76
C ARG A 237 -18.36 -12.87 -30.05
N ILE A 238 -17.60 -13.97 -29.96
CA ILE A 238 -18.14 -15.28 -30.30
C ILE A 238 -19.08 -15.78 -29.20
N GLU A 239 -18.66 -15.69 -27.94
CA GLU A 239 -19.52 -16.09 -26.84
C GLU A 239 -20.66 -15.10 -26.60
N GLY A 240 -20.65 -13.96 -27.27
CA GLY A 240 -21.75 -13.01 -27.20
C GLY A 240 -21.91 -12.34 -25.85
N TRP A 241 -20.85 -11.72 -25.36
CA TRP A 241 -20.92 -11.00 -24.09
C TRP A 241 -21.81 -9.76 -24.24
N LEU A 242 -22.03 -9.07 -23.13
CA LEU A 242 -22.93 -7.91 -23.15
C LEU A 242 -22.39 -6.83 -24.08
N ASP A 243 -21.12 -6.47 -23.94
CA ASP A 243 -20.58 -5.37 -24.71
C ASP A 243 -19.05 -5.47 -24.76
N ARG A 244 -18.46 -4.71 -25.67
CA ARG A 244 -17.02 -4.65 -25.86
C ARG A 244 -16.60 -3.19 -26.03
N PHE A 245 -15.44 -2.85 -25.47
CA PHE A 245 -14.93 -1.48 -25.52
C PHE A 245 -13.49 -1.48 -26.01
N PRO A 246 -13.14 -0.57 -26.91
CA PRO A 246 -11.85 -0.65 -27.60
C PRO A 246 -10.69 -0.15 -26.75
N MET A 247 -9.52 -0.75 -27.00
CA MET A 247 -8.24 -0.27 -26.50
C MET A 247 -7.32 -0.05 -27.68
N PHE A 248 -6.48 0.98 -27.60
CA PHE A 248 -5.59 1.35 -28.69
C PHE A 248 -4.14 1.09 -28.29
N ASP A 249 -3.32 0.78 -29.29
CA ASP A 249 -1.92 0.44 -29.01
C ASP A 249 -1.06 1.65 -28.68
N TRP A 250 -1.46 2.84 -29.12
CA TRP A 250 -0.75 4.05 -28.71
C TRP A 250 -1.12 4.50 -27.31
N VAL A 251 -1.92 3.73 -26.58
CA VAL A 251 -2.28 4.01 -25.20
C VAL A 251 -1.67 2.91 -24.35
N GLY A 252 -0.52 3.19 -23.75
CA GLY A 252 0.08 2.25 -22.83
C GLY A 252 -0.78 2.09 -21.59
N GLY A 253 -0.79 0.87 -21.04
CA GLY A 253 -1.52 0.62 -19.81
C GLY A 253 -1.04 1.49 -18.66
N ARG A 254 0.17 2.02 -18.75
CA ARG A 254 0.71 2.90 -17.72
C ARG A 254 -0.02 4.24 -17.69
N THR A 255 -0.56 4.68 -18.83
CA THR A 255 -1.23 5.97 -18.96
C THR A 255 -2.62 5.79 -19.57
N SER A 256 -3.33 4.74 -19.15
CA SER A 256 -4.61 4.37 -19.75
C SER A 256 -5.79 4.65 -18.83
N GLU A 257 -5.59 5.46 -17.78
CA GLU A 257 -6.67 5.70 -16.83
C GLU A 257 -7.82 6.47 -17.48
N LEU A 258 -7.50 7.43 -18.36
CA LEU A 258 -8.51 8.23 -19.04
C LEU A 258 -8.98 7.60 -20.35
N SER A 259 -8.69 6.33 -20.58
CA SER A 259 -9.26 5.59 -21.69
C SER A 259 -10.44 4.75 -21.18
N ALA A 260 -10.93 3.84 -22.02
CA ALA A 260 -12.01 2.96 -21.58
C ALA A 260 -11.62 2.11 -20.38
N VAL A 261 -10.32 1.96 -20.13
CA VAL A 261 -9.85 1.17 -18.99
C VAL A 261 -10.41 1.72 -17.68
N GLY A 262 -10.33 3.04 -17.51
CA GLY A 262 -10.78 3.66 -16.28
C GLY A 262 -12.13 4.33 -16.41
N LEU A 263 -12.45 4.86 -17.59
CA LEU A 263 -13.70 5.58 -17.76
C LEU A 263 -14.91 4.67 -17.51
N LEU A 264 -14.89 3.46 -18.06
CA LEU A 264 -16.05 2.57 -17.89
C LEU A 264 -16.27 2.17 -16.44
N PRO A 265 -15.29 1.60 -15.72
CA PRO A 265 -15.54 1.26 -14.31
C PRO A 265 -15.94 2.45 -13.47
N ALA A 266 -15.39 3.63 -13.75
CA ALA A 266 -15.73 4.79 -12.94
C ALA A 266 -17.15 5.24 -13.22
N ALA A 267 -17.56 5.28 -14.48
CA ALA A 267 -18.92 5.67 -14.82
C ALA A 267 -19.94 4.65 -14.30
N LEU A 268 -19.53 3.39 -14.14
CA LEU A 268 -20.43 2.37 -13.60
C LEU A 268 -20.67 2.52 -12.11
N GLN A 269 -19.98 3.46 -11.45
CA GLN A 269 -20.18 3.74 -10.04
C GLN A 269 -20.73 5.15 -9.81
N GLY A 270 -21.31 5.76 -10.84
CA GLY A 270 -21.90 7.08 -10.70
C GLY A 270 -20.92 8.23 -10.70
N ILE A 271 -19.71 8.02 -11.19
CA ILE A 271 -18.68 9.06 -11.21
C ILE A 271 -18.79 9.83 -12.52
N ASP A 272 -18.73 11.15 -12.42
CA ASP A 272 -18.75 12.01 -13.60
C ASP A 272 -17.41 11.91 -14.33
N VAL A 273 -17.32 11.00 -15.30
CA VAL A 273 -16.07 10.82 -16.04
C VAL A 273 -15.83 11.92 -17.05
N LYS A 274 -16.88 12.59 -17.52
CA LYS A 274 -16.70 13.74 -18.40
C LYS A 274 -15.95 14.85 -17.69
N GLU A 275 -16.23 15.05 -16.40
CA GLU A 275 -15.49 16.04 -15.62
C GLU A 275 -14.04 15.63 -15.40
N MET A 276 -13.78 14.32 -15.33
CA MET A 276 -12.40 13.85 -15.28
C MET A 276 -11.66 14.23 -16.56
N LEU A 277 -12.28 14.00 -17.71
CA LEU A 277 -11.63 14.36 -18.97
C LEU A 277 -11.41 15.86 -19.08
N VAL A 278 -12.35 16.65 -18.55
CA VAL A 278 -12.20 18.10 -18.58
C VAL A 278 -11.02 18.54 -17.71
N GLY A 279 -10.95 18.00 -16.49
CA GLY A 279 -9.85 18.35 -15.61
C GLY A 279 -8.49 18.00 -16.19
N ALA A 280 -8.40 16.83 -16.83
CA ALA A 280 -7.15 16.47 -17.49
C ALA A 280 -6.89 17.37 -18.70
N ALA A 281 -7.93 17.84 -19.38
CA ALA A 281 -7.74 18.71 -20.53
C ALA A 281 -7.20 20.06 -20.12
N LEU A 282 -7.78 20.65 -19.07
CA LEU A 282 -7.26 21.93 -18.56
C LEU A 282 -5.84 21.77 -18.04
N MET A 283 -5.50 20.58 -17.54
CA MET A 283 -4.15 20.35 -17.02
C MET A 283 -3.14 20.25 -18.16
N ASP A 284 -3.49 19.61 -19.26
CA ASP A 284 -2.55 19.51 -20.37
C ASP A 284 -2.24 20.86 -20.98
N GLU A 285 -3.15 21.83 -20.88
CA GLU A 285 -2.88 23.15 -21.40
C GLU A 285 -1.79 23.85 -20.61
N GLU A 286 -1.81 23.70 -19.28
CA GLU A 286 -0.80 24.33 -18.44
C GLU A 286 0.57 23.68 -18.62
N THR A 287 0.60 22.38 -18.88
CA THR A 287 1.86 21.66 -19.02
C THR A 287 2.54 21.90 -20.35
N ARG A 288 1.81 22.39 -21.36
CA ARG A 288 2.41 22.73 -22.64
C ARG A 288 3.13 24.08 -22.61
N ASN A 289 3.15 24.77 -21.48
CA ASN A 289 3.79 26.09 -21.42
C ASN A 289 5.30 25.96 -21.43
N THR A 290 5.95 26.81 -22.23
CA THR A 290 7.39 26.76 -22.43
C THR A 290 8.17 27.53 -21.39
N VAL A 291 7.50 28.32 -20.55
CA VAL A 291 8.15 29.00 -19.44
C VAL A 291 8.09 28.05 -18.24
N VAL A 292 9.27 27.65 -17.75
CA VAL A 292 9.36 26.51 -16.84
C VAL A 292 8.77 26.86 -15.48
N LYS A 293 9.05 28.06 -14.97
CA LYS A 293 8.53 28.45 -13.67
C LYS A 293 7.01 28.42 -13.64
N GLU A 294 6.36 28.62 -14.77
CA GLU A 294 4.91 28.59 -14.88
C GLU A 294 4.37 27.23 -15.31
N ASN A 295 5.23 26.22 -15.44
CA ASN A 295 4.81 24.90 -15.88
C ASN A 295 4.86 23.94 -14.71
N PRO A 296 3.72 23.46 -14.21
CA PRO A 296 3.76 22.60 -13.02
C PRO A 296 4.39 21.24 -13.27
N ALA A 297 4.19 20.67 -14.47
CA ALA A 297 4.88 19.42 -14.78
C ALA A 297 6.39 19.63 -14.85
N ALA A 298 6.84 20.79 -15.31
CA ALA A 298 8.27 21.08 -15.31
C ALA A 298 8.79 21.27 -13.89
N LEU A 299 8.00 21.91 -13.03
CA LEU A 299 8.44 22.11 -11.63
C LEU A 299 8.61 20.78 -10.92
N LEU A 300 7.69 19.84 -11.12
CA LEU A 300 7.84 18.52 -10.51
C LEU A 300 9.08 17.81 -11.05
N ALA A 301 9.29 17.89 -12.36
CA ALA A 301 10.43 17.23 -12.98
C ALA A 301 11.75 17.88 -12.55
N LEU A 302 11.77 19.21 -12.43
CA LEU A 302 12.96 19.87 -11.91
C LEU A 302 13.31 19.35 -10.53
N SER A 303 12.33 19.32 -9.62
CA SER A 303 12.60 18.92 -8.25
C SER A 303 13.02 17.46 -8.18
N TRP A 304 12.42 16.59 -8.99
CA TRP A 304 12.88 15.20 -9.06
C TRP A 304 14.33 15.16 -9.53
N TYR A 305 14.66 15.94 -10.55
CA TYR A 305 16.04 15.97 -11.05
C TYR A 305 16.99 16.50 -9.99
N TRP A 306 16.59 17.54 -9.28
CA TRP A 306 17.47 18.11 -8.26
C TRP A 306 17.64 17.17 -7.08
N ALA A 307 16.54 16.55 -6.62
CA ALA A 307 16.61 15.72 -5.42
C ALA A 307 17.36 14.42 -5.68
N THR A 308 17.27 13.90 -6.90
CA THR A 308 17.87 12.62 -7.23
C THR A 308 19.15 12.76 -8.04
N ASP A 309 19.61 13.99 -8.30
CA ASP A 309 20.81 14.24 -9.09
C ASP A 309 20.67 13.66 -10.49
N GLY A 310 19.43 13.48 -10.95
CA GLY A 310 19.15 12.96 -12.27
C GLY A 310 19.46 11.49 -12.46
N ILE A 311 19.86 10.76 -11.42
CA ILE A 311 20.23 9.36 -11.56
C ILE A 311 19.46 8.51 -10.56
N GLY A 312 18.42 9.08 -9.95
CA GLY A 312 17.62 8.35 -9.00
C GLY A 312 18.30 8.05 -7.68
N SER A 313 19.09 8.99 -7.15
CA SER A 313 19.82 8.77 -5.91
C SER A 313 18.91 8.79 -4.68
N LYS A 314 17.70 9.34 -4.80
CA LYS A 314 16.77 9.41 -3.68
C LYS A 314 15.42 8.84 -4.10
N ASP A 315 14.64 8.43 -3.10
CA ASP A 315 13.30 7.91 -3.33
C ASP A 315 12.28 9.04 -3.27
N MET A 316 11.18 8.87 -3.99
CA MET A 316 10.08 9.83 -3.99
C MET A 316 9.00 9.31 -3.06
N VAL A 317 8.83 9.97 -1.91
CA VAL A 317 7.83 9.57 -0.93
C VAL A 317 6.57 10.39 -1.15
N VAL A 318 5.48 9.71 -1.48
CA VAL A 318 4.19 10.36 -1.71
C VAL A 318 3.36 10.22 -0.44
N LEU A 319 2.95 11.35 0.13
CA LEU A 319 2.17 11.39 1.38
C LEU A 319 0.87 12.14 1.15
N PRO A 320 -0.18 11.46 0.69
CA PRO A 320 -1.50 12.11 0.57
C PRO A 320 -2.18 12.18 1.94
N TYR A 321 -2.61 13.38 2.31
CA TYR A 321 -3.31 13.58 3.57
C TYR A 321 -4.82 13.56 3.35
N LYS A 322 -5.29 12.45 2.78
CA LYS A 322 -6.71 12.18 2.58
C LYS A 322 -6.92 10.68 2.48
N ASP A 323 -7.96 10.19 3.17
CA ASP A 323 -8.25 8.75 3.13
C ASP A 323 -8.59 8.28 1.72
N SER A 324 -9.17 9.16 0.91
CA SER A 324 -9.59 8.79 -0.42
C SER A 324 -8.42 8.67 -1.41
N LEU A 325 -7.26 9.22 -1.07
CA LEU A 325 -6.09 9.14 -1.94
C LEU A 325 -5.08 8.11 -1.48
N LEU A 326 -5.53 7.08 -0.73
CA LEU A 326 -4.59 6.11 -0.17
C LEU A 326 -3.88 5.32 -1.27
N LEU A 327 -4.59 5.03 -2.36
CA LEU A 327 -4.06 4.23 -3.46
C LEU A 327 -3.33 5.05 -4.50
N LEU A 328 -3.00 6.30 -4.19
CA LEU A 328 -2.31 7.15 -5.16
C LEU A 328 -0.86 6.73 -5.34
N SER A 329 -0.17 6.36 -4.27
CA SER A 329 1.26 6.10 -4.36
C SER A 329 1.56 4.85 -5.18
N ARG A 330 0.81 3.77 -4.95
CA ARG A 330 1.06 2.57 -5.73
C ARG A 330 0.54 2.71 -7.15
N TYR A 331 -0.33 3.68 -7.40
CA TYR A 331 -0.63 4.06 -8.78
C TYR A 331 0.56 4.76 -9.42
N LEU A 332 1.20 5.67 -8.68
CA LEU A 332 2.41 6.32 -9.17
C LEU A 332 3.60 5.37 -9.23
N GLN A 333 3.57 4.27 -8.47
CA GLN A 333 4.67 3.32 -8.56
C GLN A 333 4.80 2.75 -9.97
N GLN A 334 3.67 2.50 -10.63
CA GLN A 334 3.74 2.03 -12.01
C GLN A 334 4.08 3.16 -12.96
N LEU A 335 3.41 4.30 -12.82
CA LEU A 335 3.61 5.40 -13.75
C LEU A 335 5.04 5.92 -13.73
N VAL A 336 5.68 5.95 -12.58
CA VAL A 336 7.01 6.55 -12.45
C VAL A 336 8.11 5.51 -12.60
N MET A 337 8.03 4.41 -11.85
CA MET A 337 9.13 3.44 -11.83
C MET A 337 9.21 2.63 -13.11
N GLU A 338 8.06 2.29 -13.70
CA GLU A 338 8.12 1.52 -14.94
C GLU A 338 8.45 2.40 -16.14
N SER A 339 8.13 3.69 -16.07
CA SER A 339 8.43 4.59 -17.18
C SER A 339 9.88 5.06 -17.16
N LEU A 340 10.47 5.16 -15.97
CA LEU A 340 11.80 5.73 -15.82
C LEU A 340 12.86 4.71 -15.42
N GLY A 341 12.47 3.50 -15.04
CA GLY A 341 13.45 2.50 -14.65
C GLY A 341 14.04 1.78 -15.85
N LYS A 342 14.70 2.54 -16.73
CA LYS A 342 15.25 2.00 -17.97
C LYS A 342 16.75 1.73 -17.81
N GLU A 343 17.21 0.64 -18.43
CA GLU A 343 18.62 0.27 -18.33
C GLU A 343 19.46 1.03 -19.34
N PHE A 344 18.93 1.27 -20.53
CA PHE A 344 19.69 1.83 -21.63
C PHE A 344 19.18 3.23 -21.97
N ASP A 345 20.12 4.15 -22.13
CA ASP A 345 19.85 5.48 -22.63
C ASP A 345 19.37 5.39 -24.09
N LEU A 346 18.66 6.44 -24.53
CA LEU A 346 18.14 6.50 -25.89
C LEU A 346 19.23 6.37 -26.96
N ASP A 347 20.50 6.47 -26.60
CA ASP A 347 21.60 6.23 -27.53
C ASP A 347 22.34 4.93 -27.24
N GLY A 348 21.67 3.96 -26.61
CA GLY A 348 22.24 2.65 -26.40
C GLY A 348 23.18 2.51 -25.23
N ASN A 349 23.53 3.60 -24.55
CA ASN A 349 24.48 3.54 -23.45
C ASN A 349 23.83 3.04 -22.19
N ARG A 350 24.57 2.23 -21.43
CA ARG A 350 24.09 1.65 -20.19
C ARG A 350 23.94 2.75 -19.13
N VAL A 351 22.69 3.08 -18.80
CA VAL A 351 22.35 4.10 -17.81
C VAL A 351 21.16 3.58 -17.03
N ASN A 352 21.39 3.13 -15.78
CA ASN A 352 20.35 2.50 -14.99
C ASN A 352 19.52 3.59 -14.30
N GLN A 353 18.58 4.15 -15.05
CA GLN A 353 17.73 5.21 -14.53
C GLN A 353 16.60 4.63 -13.68
N GLY A 354 15.86 5.53 -13.04
CA GLY A 354 14.72 5.13 -12.25
C GLY A 354 14.45 6.12 -11.13
N LEU A 355 13.30 5.94 -10.50
CA LEU A 355 12.86 6.84 -9.42
C LEU A 355 11.92 6.03 -8.53
N THR A 356 12.45 5.54 -7.41
CA THR A 356 11.65 4.75 -6.49
C THR A 356 10.56 5.60 -5.86
N VAL A 357 9.36 5.03 -5.74
CA VAL A 357 8.21 5.72 -5.17
C VAL A 357 7.56 4.81 -4.14
N TYR A 358 7.24 5.36 -2.98
CA TYR A 358 6.44 4.65 -1.99
C TYR A 358 5.75 5.70 -1.12
N GLY A 359 5.03 5.23 -0.12
CA GLY A 359 4.23 6.12 0.70
C GLY A 359 2.79 5.65 0.80
N ASN A 360 2.09 6.05 1.86
CA ASN A 360 0.71 5.59 2.03
C ASN A 360 -0.24 6.75 2.21
N LYS A 361 -0.22 7.39 3.37
CA LYS A 361 -1.29 8.32 3.71
C LYS A 361 -0.91 9.06 4.99
N GLY A 362 -1.30 10.33 5.07
CA GLY A 362 -1.17 11.13 6.27
C GLY A 362 -2.53 11.34 6.91
N SER A 363 -2.55 11.48 8.23
CA SER A 363 -1.34 11.51 9.05
C SER A 363 -0.96 10.13 9.58
N THR A 364 -1.51 9.08 8.94
CA THR A 364 -1.30 7.73 9.44
C THR A 364 0.18 7.33 9.40
N ASP A 365 0.89 7.73 8.33
CA ASP A 365 2.28 7.35 8.17
C ASP A 365 3.21 8.02 9.19
N GLN A 366 2.78 9.08 9.88
CA GLN A 366 3.61 9.66 10.93
C GLN A 366 3.84 8.68 12.07
N HIS A 367 2.86 7.80 12.33
CA HIS A 367 3.01 6.75 13.31
C HIS A 367 3.56 5.47 12.70
N ALA A 368 4.34 5.58 11.62
CA ALA A 368 4.85 4.40 10.93
C ALA A 368 6.34 4.52 10.65
N TYR A 369 6.71 5.39 9.71
CA TYR A 369 8.09 5.45 9.24
C TYR A 369 8.62 6.87 9.14
N ILE A 370 7.89 7.86 9.64
CA ILE A 370 8.43 9.21 9.66
C ILE A 370 9.54 9.35 10.70
N GLN A 371 9.60 8.42 11.66
CA GLN A 371 10.76 8.36 12.55
C GLN A 371 12.06 8.31 11.76
N GLN A 372 12.14 7.42 10.76
CA GLN A 372 13.31 7.36 9.91
C GLN A 372 13.36 8.53 8.92
N LEU A 373 12.20 8.97 8.44
CA LEU A 373 12.18 10.08 7.51
C LEU A 373 12.76 11.35 8.14
N ARG A 374 12.45 11.61 9.41
CA ARG A 374 12.92 12.85 10.03
C ARG A 374 14.39 12.77 10.43
N GLU A 375 14.79 11.69 11.12
CA GLU A 375 16.15 11.64 11.66
C GLU A 375 16.96 10.44 11.17
N GLY A 376 16.40 9.56 10.35
CA GLY A 376 17.12 8.40 9.86
C GLY A 376 17.95 8.71 8.63
N VAL A 377 18.16 7.69 7.80
CA VAL A 377 19.01 7.84 6.62
C VAL A 377 18.33 8.77 5.62
N HIS A 378 19.05 9.80 5.20
CA HIS A 378 18.53 10.79 4.25
C HIS A 378 18.72 10.27 2.84
N ASN A 379 17.76 9.45 2.38
CA ASN A 379 17.81 8.87 1.04
C ASN A 379 16.50 9.09 0.29
N PHE A 380 15.84 10.22 0.54
CA PHE A 380 14.48 10.41 0.04
C PHE A 380 14.16 11.89 -0.08
N PHE A 381 13.05 12.17 -0.75
CA PHE A 381 12.39 13.47 -0.72
C PHE A 381 10.89 13.21 -0.73
N VAL A 382 10.13 14.12 -0.12
CA VAL A 382 8.70 13.90 0.10
C VAL A 382 7.91 14.75 -0.88
N THR A 383 6.71 14.27 -1.21
CA THR A 383 5.73 15.03 -1.99
C THR A 383 4.41 14.93 -1.26
N PHE A 384 4.07 15.96 -0.49
CA PHE A 384 2.79 15.99 0.19
C PHE A 384 1.68 16.32 -0.81
N ILE A 385 0.53 15.69 -0.66
CA ILE A 385 -0.67 16.06 -1.40
C ILE A 385 -1.69 16.54 -0.37
N GLU A 386 -2.09 17.81 -0.48
CA GLU A 386 -2.97 18.45 0.48
C GLU A 386 -4.34 18.68 -0.15
N VAL A 387 -5.40 18.47 0.64
CA VAL A 387 -6.77 18.73 0.21
C VAL A 387 -7.40 19.68 1.22
N LEU A 388 -7.87 20.83 0.75
CA LEU A 388 -8.29 21.88 1.66
C LEU A 388 -9.65 21.59 2.28
N ARG A 389 -10.65 21.23 1.47
CA ARG A 389 -11.96 20.94 2.01
C ARG A 389 -11.95 19.62 2.76
N ASP A 390 -12.56 19.60 3.94
CA ASP A 390 -12.38 18.48 4.86
C ASP A 390 -13.47 17.42 4.74
N ARG A 391 -14.71 17.85 4.55
CA ARG A 391 -15.85 16.93 4.64
C ARG A 391 -16.97 17.48 3.78
N PRO A 392 -17.98 16.66 3.48
CA PRO A 392 -19.15 17.18 2.78
C PRO A 392 -19.79 18.31 3.54
N PRO A 393 -20.40 19.28 2.84
CA PRO A 393 -20.94 20.46 3.52
C PRO A 393 -22.09 20.12 4.44
N GLY A 394 -22.13 20.80 5.59
CA GLY A 394 -23.12 20.54 6.61
C GLY A 394 -22.73 19.50 7.65
N HIS A 395 -21.50 19.00 7.62
CA HIS A 395 -21.03 18.03 8.59
C HIS A 395 -19.93 18.57 9.51
N ASP A 396 -19.56 19.83 9.36
CA ASP A 396 -18.43 20.39 10.07
C ASP A 396 -18.84 20.91 11.45
N TRP A 397 -18.00 20.67 12.44
CA TRP A 397 -18.23 21.12 13.81
C TRP A 397 -16.90 21.14 14.53
N GLU A 398 -16.86 21.89 15.63
CA GLU A 398 -15.61 22.10 16.37
C GLU A 398 -15.46 21.05 17.47
N LEU A 399 -14.28 20.43 17.53
CA LEU A 399 -13.94 19.51 18.61
C LEU A 399 -13.40 20.24 19.82
N GLU A 400 -12.54 21.23 19.60
CA GLU A 400 -12.02 22.14 20.60
C GLU A 400 -12.34 23.56 20.15
N PRO A 401 -12.19 24.59 21.02
CA PRO A 401 -12.52 25.95 20.59
C PRO A 401 -11.79 26.38 19.31
N GLY A 402 -12.55 26.65 18.26
CA GLY A 402 -12.03 27.18 17.01
C GLY A 402 -11.34 26.19 16.10
N VAL A 403 -11.17 24.93 16.51
CA VAL A 403 -10.46 23.93 15.71
C VAL A 403 -11.40 22.77 15.42
N THR A 404 -11.43 22.33 14.17
CA THR A 404 -12.26 21.22 13.74
C THR A 404 -11.42 19.95 13.62
N CYS A 405 -12.09 18.85 13.24
CA CYS A 405 -11.36 17.62 12.98
C CYS A 405 -10.44 17.76 11.77
N GLY A 406 -10.86 18.53 10.78
CA GLY A 406 -10.03 18.73 9.60
C GLY A 406 -8.83 19.62 9.87
N ASP A 407 -8.93 20.55 10.82
CA ASP A 407 -7.80 21.41 11.13
C ASP A 407 -6.61 20.62 11.65
N TYR A 408 -6.87 19.52 12.37
CA TYR A 408 -5.79 18.66 12.82
C TYR A 408 -5.08 18.02 11.63
N LEU A 409 -5.84 17.48 10.68
CA LEU A 409 -5.24 16.94 9.47
C LEU A 409 -4.38 17.98 8.76
N PHE A 410 -4.89 19.21 8.66
CA PHE A 410 -4.08 20.29 8.09
C PHE A 410 -2.83 20.53 8.92
N GLY A 411 -2.96 20.50 10.24
CA GLY A 411 -1.82 20.79 11.10
C GLY A 411 -0.74 19.73 11.05
N MET A 412 -1.12 18.45 10.91
CA MET A 412 -0.13 17.39 10.85
C MET A 412 0.74 17.53 9.61
N LEU A 413 0.13 17.84 8.46
CA LEU A 413 0.90 18.02 7.23
C LEU A 413 1.87 19.18 7.36
N GLN A 414 1.42 20.31 7.92
CA GLN A 414 2.28 21.46 8.03
C GLN A 414 3.37 21.25 9.07
N GLY A 415 3.07 20.51 10.15
CA GLY A 415 4.08 20.21 11.13
C GLY A 415 5.11 19.22 10.63
N THR A 416 4.65 18.21 9.87
CA THR A 416 5.57 17.23 9.29
C THR A 416 6.44 17.87 8.23
N ARG A 417 5.83 18.66 7.34
CA ARG A 417 6.60 19.42 6.35
C ARG A 417 7.67 20.27 7.04
N SER A 418 7.32 20.88 8.17
CA SER A 418 8.26 21.72 8.89
C SER A 418 9.30 20.90 9.65
N ALA A 419 8.88 19.81 10.31
CA ALA A 419 9.83 18.98 11.03
C ALA A 419 10.81 18.28 10.09
N LEU A 420 10.40 18.00 8.85
CA LEU A 420 11.30 17.36 7.90
C LEU A 420 12.33 18.35 7.36
N TYR A 421 11.86 19.52 6.91
CA TYR A 421 12.78 20.51 6.35
C TYR A 421 13.77 21.03 7.38
N SER A 422 13.38 21.05 8.66
CA SER A 422 14.29 21.51 9.71
C SER A 422 15.51 20.63 9.86
N ASN A 423 15.45 19.40 9.34
CA ASN A 423 16.59 18.50 9.35
C ASN A 423 17.11 18.24 7.94
N ASP A 424 16.93 19.23 7.04
CA ASP A 424 17.48 19.21 5.68
C ASP A 424 16.82 18.15 4.80
N ARG A 425 15.55 17.84 5.02
CA ARG A 425 14.83 16.88 4.19
C ARG A 425 13.83 17.66 3.33
N GLU A 426 14.05 17.65 2.02
CA GLU A 426 13.30 18.47 1.10
C GLU A 426 11.92 17.86 0.81
N SER A 427 11.03 18.69 0.25
CA SER A 427 9.67 18.23 -0.01
C SER A 427 9.00 19.11 -1.05
N ILE A 428 8.04 18.52 -1.76
CA ILE A 428 7.13 19.24 -2.65
C ILE A 428 5.74 19.17 -2.05
N SER A 429 4.96 20.23 -2.24
CA SER A 429 3.58 20.27 -1.79
C SER A 429 2.68 20.51 -3.00
N VAL A 430 1.76 19.57 -3.24
CA VAL A 430 0.73 19.71 -4.26
C VAL A 430 -0.61 19.80 -3.53
N THR A 431 -1.38 20.84 -3.86
CA THR A 431 -2.60 21.15 -3.14
C THR A 431 -3.78 21.20 -4.11
N VAL A 432 -4.86 20.52 -3.75
CA VAL A 432 -6.13 20.65 -4.45
C VAL A 432 -7.18 21.13 -3.46
N GLU A 433 -8.18 21.84 -3.93
CA GLU A 433 -9.25 22.33 -3.05
C GLU A 433 -10.15 21.19 -2.58
N GLU A 434 -10.56 20.32 -3.50
CA GLU A 434 -11.42 19.18 -3.15
C GLU A 434 -11.14 18.00 -4.08
N VAL A 435 -11.35 16.78 -3.60
CA VAL A 435 -11.07 15.57 -4.42
C VAL A 435 -12.29 15.41 -5.30
N THR A 436 -12.15 15.93 -6.50
CA THR A 436 -13.29 15.97 -7.44
C THR A 436 -12.88 15.25 -8.70
N PRO A 437 -13.86 14.77 -9.47
CA PRO A 437 -13.56 14.19 -10.76
C PRO A 437 -12.62 15.11 -11.56
N ARG A 438 -12.90 16.41 -11.54
CA ARG A 438 -12.07 17.34 -12.28
C ARG A 438 -10.66 17.42 -11.73
N ALA A 439 -10.52 17.42 -10.40
CA ALA A 439 -9.20 17.54 -9.79
C ALA A 439 -8.39 16.26 -9.95
N VAL A 440 -9.03 15.10 -9.79
CA VAL A 440 -8.32 13.83 -9.94
C VAL A 440 -7.84 13.66 -11.38
N GLY A 441 -8.69 13.99 -12.35
CA GLY A 441 -8.24 13.98 -13.74
C GLY A 441 -7.08 14.92 -13.98
N ALA A 442 -7.04 16.05 -13.27
CA ALA A 442 -5.93 16.98 -13.39
C ALA A 442 -4.67 16.42 -12.76
N LEU A 443 -4.80 15.70 -11.64
CA LEU A 443 -3.64 15.10 -11.00
C LEU A 443 -3.07 13.96 -11.82
N VAL A 444 -3.93 13.20 -12.50
CA VAL A 444 -3.43 12.15 -13.39
C VAL A 444 -2.65 12.76 -14.55
N ALA A 445 -3.22 13.79 -15.17
CA ALA A 445 -2.56 14.46 -16.28
C ALA A 445 -1.27 15.13 -15.84
N LEU A 446 -1.24 15.69 -14.63
CA LEU A 446 -0.04 16.38 -14.15
C LEU A 446 1.15 15.43 -14.06
N TYR A 447 0.95 14.27 -13.45
CA TYR A 447 2.05 13.33 -13.26
C TYR A 447 2.39 12.59 -14.54
N GLU A 448 1.43 12.43 -15.45
CA GLU A 448 1.74 11.80 -16.73
C GLU A 448 2.70 12.66 -17.55
N ARG A 449 2.49 13.99 -17.55
CA ARG A 449 3.41 14.86 -18.29
C ARG A 449 4.73 15.02 -17.57
N ALA A 450 4.71 15.10 -16.23
CA ALA A 450 5.94 15.27 -15.47
C ALA A 450 6.87 14.08 -15.67
N VAL A 451 6.32 12.87 -15.77
CA VAL A 451 7.14 11.71 -16.09
C VAL A 451 7.69 11.81 -17.50
N GLY A 452 6.86 12.21 -18.46
CA GLY A 452 7.33 12.34 -19.83
C GLY A 452 8.43 13.37 -19.99
N ILE A 453 8.30 14.50 -19.29
CA ILE A 453 9.33 15.53 -19.35
C ILE A 453 10.61 15.04 -18.67
N TYR A 454 10.48 14.31 -17.57
CA TYR A 454 11.66 13.83 -16.84
C TYR A 454 12.45 12.84 -17.68
N ALA A 455 11.78 11.98 -18.43
CA ALA A 455 12.48 11.03 -19.29
C ALA A 455 13.28 11.75 -20.37
N SER A 456 12.82 12.93 -20.81
CA SER A 456 13.59 13.70 -21.78
C SER A 456 14.83 14.31 -21.14
N LEU A 457 14.75 14.69 -19.87
CA LEU A 457 15.90 15.27 -19.19
C LEU A 457 16.99 14.22 -19.02
N VAL A 458 16.61 12.97 -18.70
CA VAL A 458 17.59 11.89 -18.56
C VAL A 458 17.77 11.10 -19.85
N ASN A 459 17.07 11.47 -20.92
CA ASN A 459 17.32 10.95 -22.27
C ASN A 459 17.00 9.45 -22.38
N ILE A 460 15.79 9.07 -21.97
CA ILE A 460 15.34 7.69 -22.08
C ILE A 460 13.95 7.65 -22.69
N ASN A 461 13.59 6.48 -23.22
CA ASN A 461 12.25 6.25 -23.73
C ASN A 461 11.36 5.82 -22.58
N ALA A 462 10.31 6.60 -22.32
CA ALA A 462 9.45 6.40 -21.16
C ALA A 462 8.28 5.48 -21.44
N TYR A 463 8.14 4.97 -22.66
CA TYR A 463 6.87 4.38 -23.07
C TYR A 463 6.97 2.91 -23.44
N HIS A 464 8.16 2.30 -23.35
CA HIS A 464 8.30 0.86 -23.54
C HIS A 464 8.60 0.19 -22.20
N GLN A 465 8.58 -1.14 -22.22
CA GLN A 465 8.74 -1.95 -21.01
C GLN A 465 9.71 -3.09 -21.29
N PRO A 466 11.00 -2.80 -21.49
CA PRO A 466 11.96 -3.88 -21.77
C PRO A 466 12.31 -4.71 -20.55
N GLY A 467 12.16 -4.17 -19.34
CA GLY A 467 12.58 -4.87 -18.15
C GLY A 467 11.66 -5.99 -17.72
N VAL A 468 10.40 -5.96 -18.18
CA VAL A 468 9.45 -7.02 -17.82
C VAL A 468 9.61 -8.27 -18.66
N GLU A 469 10.44 -8.23 -19.71
CA GLU A 469 10.57 -9.38 -20.60
C GLU A 469 11.36 -10.51 -19.96
N ALA A 470 12.36 -10.18 -19.15
CA ALA A 470 13.21 -11.21 -18.58
C ALA A 470 12.44 -12.11 -17.62
N GLY A 471 11.58 -11.51 -16.78
CA GLY A 471 10.71 -12.30 -15.92
C GLY A 471 9.64 -13.05 -16.67
N LYS A 472 9.25 -12.55 -17.85
CA LYS A 472 8.25 -13.23 -18.65
C LYS A 472 8.77 -14.55 -19.22
N LYS A 473 10.02 -14.57 -19.66
CA LYS A 473 10.60 -15.80 -20.19
C LYS A 473 10.98 -16.78 -19.10
N ALA A 474 11.54 -16.27 -18.00
CA ALA A 474 11.94 -17.16 -16.90
C ALA A 474 10.73 -17.85 -16.29
N ALA A 475 9.57 -17.17 -16.27
CA ALA A 475 8.37 -17.79 -15.74
C ALA A 475 7.83 -18.85 -16.70
N GLY A 476 7.97 -18.62 -18.01
CA GLY A 476 7.55 -19.61 -18.97
C GLY A 476 8.42 -20.85 -18.98
N GLU A 477 9.72 -20.68 -18.67
CA GLU A 477 10.62 -21.82 -18.59
C GLU A 477 10.36 -22.68 -17.36
N VAL A 478 9.87 -22.06 -16.27
CA VAL A 478 9.50 -22.84 -15.08
C VAL A 478 8.30 -23.72 -15.39
N LEU A 479 7.25 -23.14 -15.97
CA LEU A 479 6.09 -23.94 -16.35
C LEU A 479 6.47 -25.02 -17.36
N ALA A 480 7.40 -24.71 -18.27
CA ALA A 480 7.89 -25.73 -19.20
C ALA A 480 8.68 -26.80 -18.47
N LEU A 481 9.43 -26.42 -17.44
CA LEU A 481 10.17 -27.40 -16.66
C LEU A 481 9.24 -28.29 -15.85
N GLN A 482 8.13 -27.75 -15.36
CA GLN A 482 7.20 -28.54 -14.55
C GLN A 482 6.60 -29.68 -15.35
N LYS A 483 6.30 -29.45 -16.63
CA LYS A 483 5.69 -30.51 -17.44
C LYS A 483 6.69 -31.62 -17.76
N ARG A 484 7.97 -31.27 -17.93
CA ARG A 484 9.00 -32.30 -18.06
C ARG A 484 9.12 -33.12 -16.79
N VAL A 485 8.96 -32.47 -15.63
CA VAL A 485 8.98 -33.20 -14.36
C VAL A 485 7.82 -34.17 -14.30
N LEU A 486 6.61 -33.69 -14.59
CA LEU A 486 5.47 -34.60 -14.67
C LEU A 486 5.66 -35.66 -15.74
N THR A 487 6.30 -35.33 -16.84
CA THR A 487 6.44 -36.32 -17.92
C THR A 487 7.38 -37.41 -17.42
N VAL A 488 8.51 -37.00 -16.86
CA VAL A 488 9.53 -37.95 -16.33
C VAL A 488 8.96 -38.75 -15.16
N LEU A 489 8.13 -38.14 -14.31
CA LEU A 489 7.51 -38.84 -13.17
C LEU A 489 6.43 -39.87 -13.55
N ASN A 490 5.60 -39.60 -14.57
CA ASN A 490 4.48 -40.54 -14.86
C ASN A 490 5.03 -41.89 -15.35
N GLU A 491 6.28 -41.94 -15.76
CA GLU A 491 6.99 -43.23 -15.81
C GLU A 491 6.78 -44.02 -14.50
N ALA A 492 7.00 -43.40 -13.33
CA ALA A 492 6.73 -44.10 -12.05
C ALA A 492 5.25 -44.48 -11.98
N SER A 493 4.36 -43.58 -12.40
CA SER A 493 2.90 -43.87 -12.45
C SER A 493 2.57 -44.98 -13.44
N CYS A 494 3.17 -44.97 -14.63
CA CYS A 494 2.74 -45.97 -15.63
C CYS A 494 3.91 -46.62 -16.38
N LYS A 495 4.74 -47.40 -15.71
CA LYS A 495 5.79 -48.24 -16.36
C LYS A 495 6.13 -49.30 -15.33
N ASP A 496 6.36 -50.53 -15.78
CA ASP A 496 6.29 -51.67 -14.86
C ASP A 496 7.53 -51.60 -13.98
N PRO A 497 8.63 -50.96 -14.44
CA PRO A 497 9.76 -50.79 -13.56
C PRO A 497 9.36 -49.57 -12.74
N ALA A 498 8.25 -49.67 -11.99
CA ALA A 498 7.80 -48.55 -11.13
C ALA A 498 8.87 -48.35 -10.07
N GLU A 499 9.37 -47.11 -9.95
CA GLU A 499 10.52 -46.85 -9.04
C GLU A 499 10.48 -45.37 -8.66
N PRO A 500 11.13 -44.94 -7.53
CA PRO A 500 11.14 -43.56 -7.07
C PRO A 500 12.39 -42.83 -7.56
N LEU A 501 12.20 -41.64 -8.13
CA LEU A 501 13.34 -40.88 -8.70
C LEU A 501 13.89 -39.89 -7.67
N THR A 502 15.21 -39.92 -7.49
CA THR A 502 15.90 -38.90 -6.72
C THR A 502 15.92 -37.59 -7.49
N LEU A 503 16.26 -36.51 -6.79
CA LEU A 503 16.27 -35.19 -7.42
C LEU A 503 17.25 -35.16 -8.59
N GLU A 504 18.45 -35.69 -8.40
CA GLU A 504 19.39 -35.80 -9.51
C GLU A 504 18.86 -36.71 -10.61
N GLN A 505 17.96 -37.63 -10.27
CA GLN A 505 17.39 -38.54 -11.27
C GLN A 505 16.24 -37.91 -12.04
N ILE A 506 15.47 -37.03 -11.40
CA ILE A 506 14.44 -36.28 -12.13
C ILE A 506 15.11 -35.33 -13.13
N ALA A 507 16.27 -34.82 -12.74
CA ALA A 507 16.94 -33.72 -13.46
C ALA A 507 17.58 -34.26 -14.73
N ASP A 508 18.39 -35.31 -14.63
CA ASP A 508 19.09 -35.88 -15.81
C ASP A 508 18.09 -36.45 -16.81
N ARG A 509 17.02 -37.07 -16.35
CA ARG A 509 15.97 -37.60 -17.27
C ARG A 509 15.16 -36.47 -17.92
N CYS A 510 14.96 -35.35 -17.23
CA CYS A 510 14.42 -34.15 -17.85
C CYS A 510 15.38 -33.51 -18.83
N HIS A 511 16.63 -33.98 -18.89
CA HIS A 511 17.68 -33.38 -19.70
C HIS A 511 17.91 -31.92 -19.31
N CYS A 512 17.58 -31.58 -18.07
CA CYS A 512 17.83 -30.26 -17.49
C CYS A 512 18.59 -30.46 -16.18
N PRO A 513 19.85 -30.87 -16.25
CA PRO A 513 20.57 -31.19 -15.00
C PRO A 513 20.86 -29.98 -14.14
N GLU A 514 21.21 -28.85 -14.75
CA GLU A 514 21.58 -27.65 -13.99
C GLU A 514 20.35 -27.00 -13.35
N ASP A 515 19.15 -27.48 -13.67
CA ASP A 515 17.89 -26.89 -13.16
C ASP A 515 17.44 -27.66 -11.92
N ILE A 516 18.34 -28.43 -11.34
CA ILE A 516 18.05 -29.24 -10.12
C ILE A 516 17.31 -28.38 -9.10
N GLU A 517 17.77 -27.15 -8.86
CA GLU A 517 17.12 -26.37 -7.80
C GLU A 517 15.65 -26.10 -8.14
N MET A 518 15.39 -25.69 -9.39
CA MET A 518 14.02 -25.40 -9.79
C MET A 518 13.16 -26.64 -9.76
N ILE A 519 13.74 -27.81 -10.06
CA ILE A 519 12.99 -29.06 -9.96
C ILE A 519 12.59 -29.32 -8.52
N TYR A 520 13.51 -29.06 -7.57
CA TYR A 520 13.18 -29.22 -6.16
C TYR A 520 12.02 -28.32 -5.76
N LYS A 521 12.06 -27.05 -6.18
CA LYS A 521 10.96 -26.14 -5.83
C LYS A 521 9.67 -26.53 -6.54
N ILE A 522 9.77 -27.12 -7.74
CA ILE A 522 8.57 -27.51 -8.47
C ILE A 522 7.85 -28.65 -7.75
N ILE A 523 8.59 -29.70 -7.38
CA ILE A 523 7.96 -30.82 -6.69
C ILE A 523 7.59 -30.43 -5.26
N GLN A 524 8.29 -29.46 -4.67
CA GLN A 524 7.91 -29.00 -3.34
C GLN A 524 6.55 -28.31 -3.37
N HIS A 525 6.25 -27.63 -4.47
CA HIS A 525 4.95 -26.97 -4.63
C HIS A 525 3.84 -27.97 -4.95
N MET A 526 4.15 -28.97 -5.79
CA MET A 526 3.12 -29.94 -6.15
C MET A 526 2.82 -30.90 -5.00
N ALA A 527 3.82 -31.22 -4.18
CA ALA A 527 3.55 -32.08 -3.02
C ALA A 527 2.64 -31.41 -2.01
N ALA A 528 2.74 -30.09 -1.87
CA ALA A 528 1.88 -29.37 -0.95
C ALA A 528 0.46 -29.18 -1.46
N ASN A 529 0.19 -29.52 -2.72
CA ASN A 529 -1.13 -29.38 -3.31
C ASN A 529 -1.69 -30.71 -3.82
N ASP A 530 -1.24 -31.81 -3.20
CA ASP A 530 -1.77 -33.16 -3.47
C ASP A 530 -1.64 -33.51 -4.96
N ARG A 531 -0.45 -33.25 -5.52
CA ARG A 531 -0.16 -33.59 -6.90
C ARG A 531 1.17 -34.33 -7.05
N ALA A 532 1.88 -34.59 -5.96
CA ALA A 532 3.08 -35.42 -5.98
C ALA A 532 3.28 -36.00 -4.59
N LEU A 533 4.03 -37.09 -4.50
CA LEU A 533 4.23 -37.80 -3.25
C LEU A 533 5.71 -37.81 -2.89
N ILE A 534 6.00 -37.52 -1.61
CA ILE A 534 7.36 -37.53 -1.11
C ILE A 534 7.48 -38.49 0.08
N LEU B 20 25.35 -22.68 -7.04
CA LEU B 20 24.18 -22.03 -6.47
C LEU B 20 23.26 -23.05 -5.80
N TRP B 21 23.14 -24.23 -6.42
CA TRP B 21 22.39 -25.31 -5.79
C TRP B 21 23.10 -25.78 -4.52
N ASP B 22 24.44 -25.87 -4.55
CA ASP B 22 25.16 -26.24 -3.34
C ASP B 22 25.02 -25.19 -2.26
N ARG B 23 25.01 -23.91 -2.64
CA ARG B 23 24.80 -22.85 -1.67
C ARG B 23 23.37 -22.86 -1.12
N TYR B 24 22.40 -23.23 -1.96
CA TYR B 24 21.03 -23.31 -1.49
C TYR B 24 20.84 -24.45 -0.50
N VAL B 25 21.49 -25.60 -0.75
CA VAL B 25 21.38 -26.73 0.16
C VAL B 25 22.10 -26.45 1.47
N GLU B 26 23.23 -25.74 1.41
CA GLU B 26 24.02 -25.49 2.61
C GLU B 26 23.33 -24.52 3.57
N TRP B 27 22.62 -23.53 3.04
CA TRP B 27 22.11 -22.43 3.87
C TRP B 27 20.63 -22.51 4.19
N LEU B 28 19.89 -23.43 3.57
CA LEU B 28 18.45 -23.50 3.81
C LEU B 28 18.16 -23.79 5.28
N TYR B 29 17.22 -23.02 5.81
CA TYR B 29 16.69 -23.17 7.18
C TYR B 29 15.26 -23.66 7.08
N GLN B 30 14.96 -24.73 7.77
CA GLN B 30 13.58 -25.23 7.86
C GLN B 30 13.24 -25.31 9.34
N HIS B 31 12.03 -24.89 9.68
CA HIS B 31 11.56 -25.07 11.07
C HIS B 31 10.39 -26.04 10.94
N LYS B 32 10.69 -27.29 11.26
CA LYS B 32 9.83 -28.44 10.93
C LYS B 32 8.41 -28.26 11.47
N GLN B 33 8.28 -27.88 12.74
CA GLN B 33 6.95 -27.78 13.36
C GLN B 33 6.12 -26.70 12.67
N LEU B 34 6.73 -25.56 12.36
CA LEU B 34 6.00 -24.49 11.70
C LEU B 34 5.89 -24.70 10.20
N GLY B 35 6.88 -25.33 9.59
CA GLY B 35 6.91 -25.43 8.14
C GLY B 35 7.40 -24.18 7.47
N LEU B 36 8.24 -23.41 8.14
CA LEU B 36 8.75 -22.14 7.62
C LEU B 36 10.18 -22.34 7.14
N PHE B 37 10.48 -21.85 5.95
CA PHE B 37 11.80 -21.95 5.36
C PHE B 37 12.37 -20.55 5.14
N VAL B 38 13.69 -20.43 5.27
CA VAL B 38 14.40 -19.19 4.96
C VAL B 38 15.55 -19.52 4.03
N ASP B 39 15.57 -18.86 2.86
CA ASP B 39 16.59 -19.06 1.84
C ASP B 39 17.30 -17.74 1.56
N VAL B 40 18.58 -17.68 1.93
CA VAL B 40 19.40 -16.49 1.69
C VAL B 40 20.57 -16.85 0.77
N SER B 41 20.37 -17.85 -0.09
CA SER B 41 21.44 -18.23 -1.01
C SER B 41 21.68 -17.15 -2.06
N ARG B 42 20.63 -16.44 -2.48
CA ARG B 42 20.77 -15.37 -3.45
C ARG B 42 21.28 -14.07 -2.84
N MET B 43 21.69 -14.10 -1.58
CA MET B 43 22.46 -13.01 -0.99
C MET B 43 23.94 -13.32 -1.14
N GLY B 44 24.69 -12.39 -1.71
CA GLY B 44 26.07 -12.67 -2.04
C GLY B 44 27.09 -12.33 -0.99
N PHE B 45 26.78 -12.53 0.29
CA PHE B 45 27.75 -12.24 1.35
C PHE B 45 28.85 -13.29 1.37
N THR B 46 30.08 -12.84 1.58
CA THR B 46 31.24 -13.69 1.52
C THR B 46 31.51 -14.35 2.88
N ASP B 47 32.46 -15.27 2.89
CA ASP B 47 32.83 -15.93 4.15
C ASP B 47 33.59 -15.00 5.06
N ASP B 48 34.28 -14.00 4.50
CA ASP B 48 34.88 -12.94 5.31
C ASP B 48 33.81 -12.20 6.09
N PHE B 49 32.66 -11.98 5.46
CA PHE B 49 31.54 -11.31 6.14
C PHE B 49 31.05 -12.15 7.32
N LEU B 50 30.88 -13.47 7.11
CA LEU B 50 30.43 -14.33 8.20
C LEU B 50 31.46 -14.40 9.32
N LEU B 51 32.75 -14.41 8.97
CA LEU B 51 33.79 -14.48 9.99
C LEU B 51 33.89 -13.18 10.77
N GLN B 52 33.72 -12.04 10.09
CA GLN B 52 33.85 -10.76 10.76
C GLN B 52 32.64 -10.41 11.60
N MET B 53 31.44 -10.82 11.18
CA MET B 53 30.21 -10.51 11.89
C MET B 53 29.94 -11.43 13.07
N GLU B 54 30.73 -12.50 13.23
CA GLU B 54 30.49 -13.43 14.34
C GLU B 54 30.66 -12.80 15.71
N PRO B 55 31.69 -11.97 15.99
CA PRO B 55 31.71 -11.30 17.30
C PRO B 55 30.53 -10.37 17.51
N LEU B 56 30.11 -9.63 16.49
CA LEU B 56 28.95 -8.76 16.65
C LEU B 56 27.67 -9.55 16.85
N MET B 57 27.54 -10.68 16.15
CA MET B 57 26.32 -11.49 16.27
C MET B 57 26.19 -12.09 17.67
N GLN B 58 27.28 -12.60 18.23
CA GLN B 58 27.20 -13.19 19.57
C GLN B 58 26.89 -12.13 20.62
N ARG B 59 27.32 -10.88 20.41
CA ARG B 59 26.97 -9.81 21.32
C ARG B 59 25.47 -9.53 21.28
N ALA B 60 24.85 -9.67 20.10
CA ALA B 60 23.41 -9.47 19.99
C ALA B 60 22.64 -10.56 20.72
N PHE B 61 23.15 -11.80 20.71
CA PHE B 61 22.46 -12.89 21.40
C PHE B 61 22.48 -12.68 22.91
N VAL B 62 23.59 -12.17 23.45
CA VAL B 62 23.67 -11.90 24.87
C VAL B 62 22.74 -10.75 25.24
N ALA B 63 22.78 -9.66 24.46
CA ALA B 63 21.91 -8.52 24.72
C ALA B 63 20.44 -8.92 24.61
N MET B 64 20.11 -9.82 23.68
CA MET B 64 18.74 -10.27 23.56
C MET B 64 18.32 -11.10 24.78
N GLY B 65 19.24 -11.88 25.34
CA GLY B 65 18.92 -12.63 26.54
C GLY B 65 18.69 -11.73 27.75
N GLU B 66 19.56 -10.72 27.92
CA GLU B 66 19.35 -9.75 28.99
C GLU B 66 18.04 -8.99 28.80
N LEU B 67 17.69 -8.69 27.55
CA LEU B 67 16.41 -8.03 27.28
C LEU B 67 15.24 -8.89 27.74
N GLU B 68 15.28 -10.18 27.42
CA GLU B 68 14.18 -11.07 27.81
C GLU B 68 14.13 -11.27 29.32
N LYS B 69 15.27 -11.18 30.01
CA LYS B 69 15.31 -11.36 31.45
C LYS B 69 14.83 -10.13 32.22
N GLY B 70 14.67 -8.99 31.56
CA GLY B 70 14.09 -7.83 32.20
C GLY B 70 15.00 -6.63 32.31
N ALA B 71 16.16 -6.68 31.65
CA ALA B 71 17.08 -5.56 31.67
C ALA B 71 16.41 -4.32 31.08
N ILE B 72 16.99 -3.13 31.28
CA ILE B 72 16.43 -1.89 30.66
C ILE B 72 16.89 -1.74 29.19
N ALA B 73 16.23 -2.45 28.27
CA ALA B 73 16.57 -2.44 26.83
C ALA B 73 16.28 -1.10 26.18
N ASN B 74 15.22 -0.41 26.59
CA ASN B 74 15.02 0.95 26.08
C ASN B 74 15.71 1.85 27.09
N PRO B 75 16.99 2.22 26.87
CA PRO B 75 17.73 2.98 27.86
C PRO B 75 17.27 4.44 27.88
N ASP B 76 16.89 4.92 26.72
CA ASP B 76 16.48 6.34 26.48
C ASP B 76 15.17 6.66 27.20
N GLU B 77 14.33 5.66 27.44
CA GLU B 77 13.11 5.91 28.22
C GLU B 77 13.10 5.20 29.56
N GLY B 78 14.13 4.42 29.88
CA GLY B 78 14.18 3.69 31.14
C GLY B 78 13.08 2.66 31.32
N ARG B 79 12.73 1.92 30.27
CA ARG B 79 11.66 0.95 30.32
C ARG B 79 12.19 -0.44 30.01
N MET B 80 11.32 -1.43 30.17
CA MET B 80 11.60 -2.80 29.76
C MET B 80 10.97 -3.07 28.39
N VAL B 81 11.57 -3.98 27.65
CA VAL B 81 11.03 -4.45 26.39
C VAL B 81 10.64 -5.89 26.59
N GLY B 82 9.34 -6.16 26.57
CA GLY B 82 8.86 -7.48 26.88
C GLY B 82 7.76 -8.00 25.98
N HIS B 83 7.80 -7.64 24.70
CA HIS B 83 6.85 -8.24 23.78
C HIS B 83 7.08 -9.73 23.62
N TYR B 84 8.26 -10.23 24.01
CA TYR B 84 8.49 -11.66 24.03
C TYR B 84 7.76 -12.35 25.18
N TRP B 85 7.40 -11.60 26.22
CA TRP B 85 6.58 -12.16 27.29
C TRP B 85 5.12 -12.32 26.88
N LEU B 86 4.67 -11.60 25.84
CA LEU B 86 3.28 -11.72 25.40
C LEU B 86 2.96 -13.13 24.94
N ARG B 87 3.96 -13.85 24.42
CA ARG B 87 3.76 -15.18 23.88
C ARG B 87 4.36 -16.27 24.77
N ASP B 88 5.10 -15.87 25.81
CA ASP B 88 5.62 -16.81 26.81
C ASP B 88 5.59 -16.10 28.16
N PRO B 89 4.45 -16.12 28.84
CA PRO B 89 4.36 -15.43 30.14
C PRO B 89 5.29 -16.01 31.19
N GLY B 90 5.70 -17.27 31.05
CA GLY B 90 6.56 -17.87 32.06
C GLY B 90 7.88 -17.14 32.23
N LEU B 91 8.44 -16.63 31.13
CA LEU B 91 9.71 -15.90 31.19
C LEU B 91 9.52 -14.42 31.51
N ALA B 92 8.41 -14.05 32.15
CA ALA B 92 8.28 -12.71 32.71
C ALA B 92 9.09 -12.61 33.99
N PRO B 93 9.70 -11.45 34.26
CA PRO B 93 10.60 -11.34 35.41
C PRO B 93 9.93 -11.52 36.77
N ASN B 94 8.62 -11.33 36.87
CA ASN B 94 7.91 -11.52 38.13
C ASN B 94 6.57 -12.19 37.87
N SER B 95 5.96 -12.70 38.94
CA SER B 95 4.69 -13.40 38.82
C SER B 95 3.53 -12.47 38.53
N PHE B 96 3.64 -11.18 38.88
CA PHE B 96 2.55 -10.25 38.61
C PHE B 96 2.41 -9.98 37.12
N LEU B 97 3.54 -9.73 36.44
CA LEU B 97 3.49 -9.54 34.99
C LEU B 97 3.02 -10.80 34.28
N ARG B 98 3.48 -11.97 34.74
CA ARG B 98 3.02 -13.22 34.16
C ARG B 98 1.52 -13.38 34.30
N THR B 99 0.98 -13.03 35.49
CA THR B 99 -0.45 -13.17 35.74
C THR B 99 -1.26 -12.23 34.85
N LYS B 100 -0.82 -10.97 34.73
CA LYS B 100 -1.59 -9.99 33.97
C LYS B 100 -1.59 -10.30 32.48
N ILE B 101 -0.55 -10.97 31.98
CA ILE B 101 -0.52 -11.36 30.58
C ILE B 101 -1.53 -12.47 30.31
N GLU B 102 -1.55 -13.50 31.18
CA GLU B 102 -2.44 -14.63 30.97
C GLU B 102 -3.89 -14.29 31.28
N LYS B 103 -4.14 -13.39 32.24
CA LYS B 103 -5.51 -13.00 32.51
C LYS B 103 -6.11 -12.23 31.33
N THR B 104 -5.28 -11.50 30.59
CA THR B 104 -5.76 -10.77 29.42
C THR B 104 -6.19 -11.72 28.31
N VAL B 105 -5.38 -12.76 28.04
CA VAL B 105 -5.73 -13.71 26.98
C VAL B 105 -7.02 -14.43 27.32
N ASP B 106 -7.17 -14.86 28.58
CA ASP B 106 -8.43 -15.45 29.01
C ASP B 106 -9.57 -14.45 28.88
N HIS B 107 -9.32 -13.19 29.24
CA HIS B 107 -10.34 -12.16 29.14
C HIS B 107 -10.75 -11.95 27.68
N ILE B 108 -9.79 -11.95 26.77
CA ILE B 108 -10.09 -11.73 25.35
C ILE B 108 -10.89 -12.88 24.78
N LEU B 109 -10.50 -14.12 25.10
CA LEU B 109 -11.20 -15.29 24.59
C LEU B 109 -12.65 -15.33 25.07
N ALA B 110 -12.88 -15.15 26.37
CA ALA B 110 -14.23 -15.23 26.90
C ALA B 110 -15.11 -14.10 26.34
N PHE B 111 -14.54 -12.91 26.17
CA PHE B 111 -15.33 -11.79 25.66
C PHE B 111 -15.62 -11.97 24.17
N SER B 112 -14.67 -12.51 23.41
CA SER B 112 -14.90 -12.71 21.98
C SER B 112 -15.90 -13.83 21.75
N GLN B 113 -15.81 -14.92 22.51
CA GLN B 113 -16.78 -16.01 22.36
C GLN B 113 -18.18 -15.56 22.71
N ASP B 114 -18.32 -14.72 23.74
CA ASP B 114 -19.63 -14.19 24.11
C ASP B 114 -20.14 -13.18 23.10
N ILE B 115 -19.25 -12.52 22.37
CA ILE B 115 -19.68 -11.60 21.31
C ILE B 115 -20.10 -12.36 20.07
N VAL B 116 -19.35 -13.40 19.69
CA VAL B 116 -19.66 -14.15 18.49
C VAL B 116 -20.93 -14.97 18.68
N SER B 117 -21.10 -15.59 19.85
CA SER B 117 -22.27 -16.43 20.08
C SER B 117 -23.54 -15.61 20.26
N GLY B 118 -23.41 -14.31 20.51
CA GLY B 118 -24.56 -13.48 20.77
C GLY B 118 -24.99 -13.37 22.21
N LYS B 119 -24.18 -13.87 23.15
CA LYS B 119 -24.55 -13.75 24.56
C LYS B 119 -24.46 -12.32 25.05
N ILE B 120 -23.60 -11.50 24.42
CA ILE B 120 -23.54 -10.06 24.65
C ILE B 120 -24.12 -9.40 23.42
N LYS B 121 -25.25 -8.73 23.58
CA LYS B 121 -26.04 -8.16 22.50
C LYS B 121 -25.91 -6.65 22.45
N PRO B 122 -26.17 -6.04 21.30
CA PRO B 122 -26.43 -4.61 21.27
C PRO B 122 -27.76 -4.32 21.97
N PRO B 123 -27.97 -3.08 22.44
CA PRO B 123 -29.25 -2.77 23.09
C PRO B 123 -30.46 -3.14 22.26
N SER B 124 -30.46 -2.79 20.97
CA SER B 124 -31.52 -3.19 20.06
C SER B 124 -30.97 -3.15 18.64
N SER B 125 -31.11 -4.27 17.92
CA SER B 125 -30.61 -4.38 16.56
C SER B 125 -31.51 -5.33 15.78
N GLN B 126 -31.33 -5.32 14.46
CA GLN B 126 -32.13 -6.20 13.61
C GLN B 126 -31.69 -7.65 13.73
N ALA B 127 -30.38 -7.90 13.77
CA ALA B 127 -29.86 -9.25 13.86
C ALA B 127 -29.92 -9.83 15.26
N GLY B 128 -30.02 -8.98 16.28
CA GLY B 128 -29.94 -9.42 17.66
C GLY B 128 -28.55 -9.73 18.14
N ARG B 129 -27.53 -9.45 17.33
CA ARG B 129 -26.15 -9.74 17.69
C ARG B 129 -25.27 -8.66 17.07
N PHE B 130 -24.08 -8.50 17.63
CA PHE B 130 -23.10 -7.60 17.04
C PHE B 130 -22.64 -8.17 15.70
N THR B 131 -22.61 -7.33 14.67
CA THR B 131 -22.24 -7.77 13.34
C THR B 131 -21.06 -7.03 12.74
N GLN B 132 -20.66 -5.88 13.29
CA GLN B 132 -19.61 -5.07 12.70
C GLN B 132 -18.66 -4.60 13.80
N ILE B 133 -17.39 -4.42 13.41
CA ILE B 133 -16.34 -3.93 14.29
C ILE B 133 -15.80 -2.63 13.72
N LEU B 134 -15.76 -1.60 14.54
CA LEU B 134 -15.18 -0.31 14.18
C LEU B 134 -13.97 -0.10 15.08
N SER B 135 -12.77 -0.37 14.55
CA SER B 135 -11.55 -0.28 15.33
C SER B 135 -10.92 1.08 15.12
N ILE B 136 -10.78 1.84 16.20
CA ILE B 136 -10.24 3.20 16.14
C ILE B 136 -8.85 3.16 16.77
N GLY B 137 -7.83 3.25 15.93
CA GLY B 137 -6.45 3.19 16.41
C GLY B 137 -5.51 3.70 15.35
N ILE B 138 -4.30 4.01 15.78
CA ILE B 138 -3.31 4.63 14.91
C ILE B 138 -1.97 3.93 15.10
N GLY B 139 -1.18 3.89 14.03
CA GLY B 139 0.15 3.30 14.12
C GLY B 139 0.07 1.81 14.31
N GLY B 140 0.77 1.31 15.33
CA GLY B 140 0.71 -0.11 15.67
C GLY B 140 -0.67 -0.56 16.11
N SER B 141 -1.51 0.38 16.55
CA SER B 141 -2.87 0.06 16.95
C SER B 141 -3.78 -0.26 15.76
N SER B 142 -3.32 0.00 14.54
CA SER B 142 -4.13 -0.30 13.36
C SER B 142 -3.39 -1.17 12.33
N LEU B 143 -2.12 -0.90 12.07
CA LEU B 143 -1.38 -1.65 11.05
C LEU B 143 -1.39 -3.14 11.34
N GLY B 144 -1.18 -3.52 12.59
CA GLY B 144 -1.21 -4.90 12.99
C GLY B 144 -2.57 -5.55 12.80
N PRO B 145 -3.60 -5.00 13.44
CA PRO B 145 -4.96 -5.54 13.22
C PRO B 145 -5.39 -5.53 11.77
N GLN B 146 -4.96 -4.55 10.97
CA GLN B 146 -5.29 -4.56 9.55
C GLN B 146 -4.57 -5.68 8.83
N PHE B 147 -3.30 -5.94 9.17
CA PHE B 147 -2.55 -7.00 8.51
C PHE B 147 -3.08 -8.37 8.89
N VAL B 148 -3.37 -8.57 10.18
CA VAL B 148 -3.84 -9.89 10.64
C VAL B 148 -5.24 -10.17 10.11
N SER B 149 -6.07 -9.14 10.01
CA SER B 149 -7.44 -9.34 9.52
C SER B 149 -7.44 -9.84 8.08
N GLU B 150 -6.74 -9.14 7.19
CA GLU B 150 -6.72 -9.53 5.78
C GLU B 150 -6.04 -10.88 5.55
N ALA B 151 -5.22 -11.35 6.49
CA ALA B 151 -4.48 -12.58 6.31
C ALA B 151 -5.16 -13.81 6.92
N LEU B 152 -6.00 -13.63 7.93
CA LEU B 152 -6.55 -14.76 8.66
C LEU B 152 -8.06 -14.76 8.81
N ALA B 153 -8.75 -13.66 8.53
CA ALA B 153 -10.19 -13.63 8.71
C ALA B 153 -10.87 -14.57 7.72
N PRO B 154 -11.92 -15.28 8.14
CA PRO B 154 -12.66 -16.14 7.21
C PRO B 154 -13.32 -15.31 6.10
N ASP B 155 -13.73 -16.02 5.04
CA ASP B 155 -14.41 -15.36 3.94
C ASP B 155 -15.65 -14.63 4.41
N ASN B 156 -16.48 -15.29 5.22
CA ASN B 156 -17.65 -14.68 5.84
C ASN B 156 -17.48 -14.76 7.35
N PRO B 157 -16.91 -13.72 7.98
CA PRO B 157 -16.60 -13.79 9.41
C PRO B 157 -17.84 -13.57 10.25
N PRO B 158 -17.80 -13.93 11.54
CA PRO B 158 -18.93 -13.60 12.43
C PRO B 158 -19.20 -12.12 12.52
N LEU B 159 -18.16 -11.29 12.37
CA LEU B 159 -18.28 -9.84 12.37
C LEU B 159 -17.33 -9.26 11.34
N LYS B 160 -17.84 -8.42 10.45
CA LYS B 160 -16.99 -7.67 9.55
C LYS B 160 -16.33 -6.52 10.32
N ILE B 161 -15.20 -6.04 9.79
CA ILE B 161 -14.36 -5.09 10.51
C ILE B 161 -14.06 -3.88 9.63
N ARG B 162 -14.03 -2.71 10.26
CA ARG B 162 -13.66 -1.45 9.62
C ARG B 162 -12.67 -0.75 10.53
N PHE B 163 -11.81 0.07 9.92
CA PHE B 163 -10.72 0.70 10.65
C PHE B 163 -10.78 2.21 10.47
N ILE B 164 -10.82 2.95 11.57
CA ILE B 164 -10.60 4.39 11.55
C ILE B 164 -9.18 4.63 12.04
N ASP B 165 -8.32 5.10 11.13
CA ASP B 165 -6.89 5.23 11.43
C ASP B 165 -6.32 6.57 11.00
N ASN B 166 -7.12 7.64 11.09
CA ASN B 166 -6.69 8.93 10.58
C ASN B 166 -7.60 9.98 11.17
N THR B 167 -7.22 11.24 10.98
CA THR B 167 -8.05 12.37 11.39
C THR B 167 -8.76 13.01 10.22
N ASP B 168 -8.84 12.32 9.09
CA ASP B 168 -9.56 12.80 7.91
C ASP B 168 -11.05 12.75 8.18
N PRO B 169 -11.76 13.88 8.24
CA PRO B 169 -13.20 13.82 8.49
C PRO B 169 -13.99 13.20 7.35
N ALA B 170 -13.52 13.33 6.11
CA ALA B 170 -14.23 12.72 5.00
C ALA B 170 -14.21 11.21 5.07
N GLY B 171 -13.10 10.63 5.53
CA GLY B 171 -13.02 9.18 5.62
C GLY B 171 -13.88 8.62 6.73
N ILE B 172 -13.91 9.29 7.89
CA ILE B 172 -14.75 8.85 8.99
C ILE B 172 -16.22 8.97 8.61
N ASP B 173 -16.62 10.10 8.02
CA ASP B 173 -17.98 10.22 7.54
C ASP B 173 -18.30 9.18 6.46
N HIS B 174 -17.29 8.81 5.67
CA HIS B 174 -17.48 7.79 4.65
C HIS B 174 -17.80 6.43 5.28
N GLN B 175 -17.02 6.03 6.29
CA GLN B 175 -17.25 4.75 6.97
C GLN B 175 -18.59 4.74 7.67
N ILE B 176 -19.00 5.88 8.24
CA ILE B 176 -20.30 5.97 8.91
C ILE B 176 -21.43 5.87 7.90
N ALA B 177 -21.26 6.49 6.73
CA ALA B 177 -22.31 6.45 5.71
C ALA B 177 -22.45 5.05 5.13
N GLN B 178 -21.34 4.34 4.93
CA GLN B 178 -21.42 2.97 4.44
C GLN B 178 -22.01 2.04 5.50
N LEU B 179 -21.67 2.28 6.77
CA LEU B 179 -22.23 1.47 7.85
C LEU B 179 -23.74 1.58 7.90
N GLY B 180 -24.28 2.76 7.57
CA GLY B 180 -25.71 2.96 7.46
C GLY B 180 -26.50 2.58 8.69
N GLU B 181 -27.35 1.56 8.57
CA GLU B 181 -28.23 1.15 9.64
C GLU B 181 -27.58 0.15 10.59
N GLU B 182 -26.52 -0.52 10.15
CA GLU B 182 -25.83 -1.49 11.00
C GLU B 182 -24.96 -0.84 12.07
N LEU B 183 -25.01 0.48 12.20
CA LEU B 183 -24.36 1.13 13.34
C LEU B 183 -25.00 0.69 14.65
N LYS B 184 -26.28 0.30 14.62
CA LYS B 184 -26.96 -0.20 15.81
C LYS B 184 -26.39 -1.53 16.30
N SER B 185 -25.64 -2.24 15.46
CA SER B 185 -25.04 -3.53 15.82
C SER B 185 -23.54 -3.51 15.59
N THR B 186 -22.91 -2.35 15.78
CA THR B 186 -21.47 -2.18 15.60
C THR B 186 -20.78 -2.19 16.97
N LEU B 187 -19.71 -2.97 17.08
CA LEU B 187 -18.87 -2.99 18.27
C LEU B 187 -17.68 -2.07 18.03
N VAL B 188 -17.66 -0.94 18.72
CA VAL B 188 -16.61 0.06 18.52
C VAL B 188 -15.47 -0.21 19.50
N ILE B 189 -14.27 -0.40 18.96
CA ILE B 189 -13.07 -0.62 19.77
C ILE B 189 -12.18 0.61 19.66
N VAL B 190 -11.81 1.15 20.82
CA VAL B 190 -10.95 2.33 20.92
C VAL B 190 -9.62 1.89 21.48
N ILE B 191 -8.55 2.09 20.72
CA ILE B 191 -7.22 1.64 21.10
C ILE B 191 -6.30 2.85 21.20
N SER B 192 -5.81 3.11 22.42
CA SER B 192 -4.86 4.17 22.67
C SER B 192 -4.21 3.91 24.01
N LYS B 193 -2.92 4.25 24.13
CA LYS B 193 -2.21 3.99 25.38
C LYS B 193 -2.74 4.87 26.51
N SER B 194 -2.69 6.18 26.32
CA SER B 194 -3.13 7.13 27.33
C SER B 194 -4.43 7.83 26.98
N GLY B 195 -5.01 7.53 25.81
CA GLY B 195 -6.19 8.22 25.34
C GLY B 195 -5.96 9.65 24.89
N GLY B 196 -4.71 10.11 24.85
CA GLY B 196 -4.39 11.45 24.40
C GLY B 196 -3.88 11.56 22.99
N THR B 197 -3.92 10.48 22.21
CA THR B 197 -3.49 10.53 20.81
C THR B 197 -4.48 11.37 20.01
N PRO B 198 -4.04 12.44 19.35
CA PRO B 198 -5.00 13.33 18.69
C PRO B 198 -5.83 12.64 17.61
N GLU B 199 -5.22 11.81 16.78
CA GLU B 199 -5.98 11.11 15.74
C GLU B 199 -7.04 10.20 16.36
N THR B 200 -6.64 9.38 17.34
CA THR B 200 -7.58 8.48 17.99
C THR B 200 -8.66 9.24 18.76
N ARG B 201 -8.30 10.38 19.36
CA ARG B 201 -9.28 11.16 20.11
C ARG B 201 -10.32 11.76 19.16
N ASN B 202 -9.89 12.36 18.06
CA ASN B 202 -10.84 12.96 17.13
C ASN B 202 -11.74 11.91 16.51
N GLY B 203 -11.20 10.73 16.21
CA GLY B 203 -12.03 9.66 15.66
C GLY B 203 -13.07 9.18 16.65
N LEU B 204 -12.74 9.15 17.94
CA LEU B 204 -13.70 8.76 18.95
C LEU B 204 -14.81 9.81 19.07
N LEU B 205 -14.45 11.09 19.01
CA LEU B 205 -15.46 12.15 19.10
C LEU B 205 -16.39 12.12 17.89
N GLU B 206 -15.84 11.86 16.70
CA GLU B 206 -16.69 11.80 15.51
C GLU B 206 -17.63 10.61 15.56
N VAL B 207 -17.16 9.47 16.07
CA VAL B 207 -18.00 8.28 16.14
C VAL B 207 -19.11 8.47 17.16
N GLN B 208 -18.78 9.06 18.32
CA GLN B 208 -19.79 9.33 19.33
C GLN B 208 -20.85 10.30 18.83
N LYS B 209 -20.46 11.28 18.00
CA LYS B 209 -21.45 12.15 17.40
C LYS B 209 -22.39 11.37 16.49
N ALA B 210 -21.86 10.43 15.70
CA ALA B 210 -22.71 9.62 14.85
C ALA B 210 -23.63 8.73 15.68
N PHE B 211 -23.13 8.17 16.79
CA PHE B 211 -23.97 7.35 17.65
C PHE B 211 -25.10 8.16 18.26
N ARG B 212 -24.81 9.39 18.70
CA ARG B 212 -25.85 10.21 19.31
C ARG B 212 -26.84 10.73 18.27
N ASP B 213 -26.42 10.87 17.01
CA ASP B 213 -27.34 11.31 15.97
C ASP B 213 -28.32 10.20 15.59
N ALA B 214 -27.90 8.95 15.70
CA ALA B 214 -28.76 7.80 15.42
C ALA B 214 -29.57 7.37 16.63
N GLY B 215 -29.46 8.07 17.75
CA GLY B 215 -30.16 7.70 18.96
C GLY B 215 -29.59 6.52 19.71
N LEU B 216 -28.29 6.26 19.56
CA LEU B 216 -27.64 5.12 20.20
C LEU B 216 -26.80 5.59 21.38
N ASP B 217 -26.59 4.68 22.33
CA ASP B 217 -25.72 4.92 23.48
C ASP B 217 -24.39 4.22 23.25
N PHE B 218 -23.32 5.01 23.15
CA PHE B 218 -22.00 4.47 22.84
C PHE B 218 -21.50 3.53 23.93
N SER B 219 -21.95 3.71 25.18
CA SER B 219 -21.42 2.91 26.28
C SER B 219 -21.74 1.44 26.12
N LYS B 220 -22.89 1.10 25.54
CA LYS B 220 -23.29 -0.29 25.41
C LYS B 220 -22.77 -0.95 24.15
N GLN B 221 -22.00 -0.22 23.32
CA GLN B 221 -21.40 -0.79 22.12
C GLN B 221 -19.92 -0.45 22.01
N GLY B 222 -19.30 0.06 23.06
CA GLY B 222 -17.92 0.51 23.01
C GLY B 222 -17.01 -0.29 23.93
N VAL B 223 -15.81 -0.56 23.46
CA VAL B 223 -14.77 -1.26 24.22
C VAL B 223 -13.49 -0.45 24.13
N ALA B 224 -12.76 -0.35 25.23
CA ALA B 224 -11.53 0.44 25.30
C ALA B 224 -10.33 -0.48 25.53
N ILE B 225 -9.28 -0.27 24.76
CA ILE B 225 -7.99 -0.94 24.97
C ILE B 225 -7.00 0.15 25.37
N THR B 226 -6.68 0.21 26.67
CA THR B 226 -5.95 1.34 27.21
C THR B 226 -4.98 0.88 28.30
N GLN B 227 -4.06 1.76 28.63
CA GLN B 227 -3.24 1.57 29.82
C GLN B 227 -4.07 1.87 31.06
N GLU B 228 -3.84 1.10 32.12
CA GLU B 228 -4.71 1.18 33.30
C GLU B 228 -4.62 2.55 33.96
N ASN B 229 -5.78 3.06 34.35
CA ASN B 229 -5.90 4.35 35.06
C ASN B 229 -5.40 5.51 34.21
N SER B 230 -5.56 5.43 32.89
CA SER B 230 -5.33 6.57 32.04
C SER B 230 -6.64 7.33 31.86
N LEU B 231 -6.60 8.39 31.03
CA LEU B 231 -7.81 9.18 30.81
C LEU B 231 -8.90 8.35 30.17
N LEU B 232 -8.55 7.53 29.18
CA LEU B 232 -9.53 6.69 28.50
C LEU B 232 -9.98 5.51 29.36
N ASP B 233 -9.09 4.99 30.21
CA ASP B 233 -9.49 3.89 31.09
C ASP B 233 -10.46 4.37 32.16
N ASN B 234 -10.22 5.55 32.72
CA ASN B 234 -11.14 6.09 33.73
C ASN B 234 -12.47 6.47 33.11
N THR B 235 -12.45 6.98 31.87
CA THR B 235 -13.68 7.40 31.22
C THR B 235 -14.58 6.21 30.92
N ALA B 236 -14.01 5.15 30.34
CA ALA B 236 -14.81 3.97 30.00
C ALA B 236 -15.32 3.25 31.24
N ARG B 237 -14.55 3.28 32.34
CA ARG B 237 -15.03 2.62 33.56
C ARG B 237 -16.16 3.42 34.21
N ILE B 238 -16.08 4.74 34.14
CA ILE B 238 -17.11 5.58 34.76
C ILE B 238 -18.35 5.67 33.89
N GLU B 239 -18.17 5.80 32.57
CA GLU B 239 -19.32 5.83 31.67
C GLU B 239 -19.94 4.45 31.49
N GLY B 240 -19.25 3.38 31.90
CA GLY B 240 -19.80 2.05 31.82
C GLY B 240 -19.79 1.44 30.42
N TRP B 241 -18.62 1.45 29.76
CA TRP B 241 -18.51 0.81 28.47
C TRP B 241 -18.66 -0.71 28.61
N LEU B 242 -18.68 -1.40 27.47
CA LEU B 242 -18.86 -2.84 27.49
C LEU B 242 -17.75 -3.54 28.26
N ASP B 243 -16.50 -3.20 27.96
CA ASP B 243 -15.38 -3.86 28.61
C ASP B 243 -14.12 -3.04 28.37
N ARG B 244 -13.08 -3.36 29.14
CA ARG B 244 -11.79 -2.68 29.06
C ARG B 244 -10.68 -3.73 29.04
N PHE B 245 -9.63 -3.47 28.26
CA PHE B 245 -8.51 -4.39 28.14
C PHE B 245 -7.20 -3.64 28.32
N PRO B 246 -6.23 -4.25 29.01
CA PRO B 246 -5.01 -3.53 29.37
C PRO B 246 -4.04 -3.38 28.21
N MET B 247 -3.26 -2.30 28.29
CA MET B 247 -2.15 -2.03 27.38
C MET B 247 -0.97 -1.62 28.25
N PHE B 248 0.11 -2.40 28.21
CA PHE B 248 1.20 -2.25 29.15
C PHE B 248 2.30 -1.35 28.60
N ASP B 249 3.00 -0.67 29.51
CA ASP B 249 4.01 0.30 29.12
C ASP B 249 5.28 -0.35 28.58
N TRP B 250 5.52 -1.63 28.87
CA TRP B 250 6.68 -2.34 28.38
C TRP B 250 6.43 -2.99 27.03
N VAL B 251 5.42 -2.54 26.30
CA VAL B 251 5.10 -3.03 24.96
C VAL B 251 5.02 -1.83 24.03
N GLY B 252 5.95 -1.72 23.10
CA GLY B 252 5.87 -0.67 22.11
C GLY B 252 4.72 -0.88 21.14
N GLY B 253 4.34 0.22 20.48
CA GLY B 253 3.24 0.15 19.53
C GLY B 253 3.49 -0.81 18.38
N ARG B 254 4.70 -0.80 17.85
CA ARG B 254 5.02 -1.62 16.68
C ARG B 254 5.26 -3.09 17.02
N THR B 255 5.36 -3.42 18.31
CA THR B 255 5.51 -4.80 18.76
C THR B 255 4.39 -5.18 19.71
N SER B 256 3.17 -4.74 19.40
CA SER B 256 2.01 -4.98 20.24
C SER B 256 0.98 -5.89 19.59
N GLU B 257 1.35 -6.57 18.50
CA GLU B 257 0.38 -7.34 17.74
C GLU B 257 -0.17 -8.52 18.54
N LEU B 258 0.68 -9.21 19.28
CA LEU B 258 0.27 -10.35 20.09
C LEU B 258 -0.16 -9.94 21.50
N SER B 259 -0.43 -8.66 21.73
CA SER B 259 -1.04 -8.20 22.97
C SER B 259 -2.54 -8.00 22.73
N ALA B 260 -3.20 -7.34 23.68
CA ALA B 260 -4.63 -7.08 23.53
C ALA B 260 -4.94 -6.24 22.30
N VAL B 261 -3.95 -5.48 21.79
CA VAL B 261 -4.18 -4.60 20.66
C VAL B 261 -4.59 -5.41 19.43
N GLY B 262 -3.86 -6.49 19.15
CA GLY B 262 -4.14 -7.30 17.99
C GLY B 262 -4.98 -8.53 18.27
N LEU B 263 -4.91 -9.04 19.50
CA LEU B 263 -5.62 -10.28 19.83
C LEU B 263 -7.13 -10.07 19.86
N LEU B 264 -7.59 -8.92 20.38
CA LEU B 264 -9.03 -8.71 20.48
C LEU B 264 -9.68 -8.56 19.12
N PRO B 265 -9.28 -7.64 18.24
CA PRO B 265 -9.94 -7.55 16.93
C PRO B 265 -9.83 -8.83 16.12
N ALA B 266 -8.78 -9.61 16.32
CA ALA B 266 -8.65 -10.87 15.59
C ALA B 266 -9.63 -11.91 16.13
N ALA B 267 -9.63 -12.12 17.44
CA ALA B 267 -10.54 -13.10 18.04
C ALA B 267 -12.00 -12.72 17.81
N LEU B 268 -12.30 -11.42 17.71
CA LEU B 268 -13.65 -10.99 17.41
C LEU B 268 -14.10 -11.37 16.00
N GLN B 269 -13.17 -11.74 15.12
CA GLN B 269 -13.52 -12.22 13.79
C GLN B 269 -13.38 -13.73 13.66
N GLY B 270 -13.43 -14.45 14.77
CA GLY B 270 -13.36 -15.90 14.71
C GLY B 270 -12.01 -16.47 14.38
N ILE B 271 -10.95 -15.68 14.54
CA ILE B 271 -9.59 -16.13 14.26
C ILE B 271 -9.04 -16.79 15.51
N ASP B 272 -8.35 -17.93 15.31
CA ASP B 272 -7.73 -18.65 16.41
C ASP B 272 -6.49 -17.92 16.91
N VAL B 273 -6.66 -17.05 17.91
CA VAL B 273 -5.52 -16.29 18.42
C VAL B 273 -4.62 -17.13 19.31
N LYS B 274 -5.11 -18.27 19.81
CA LYS B 274 -4.25 -19.15 20.59
C LYS B 274 -3.14 -19.73 19.71
N GLU B 275 -3.49 -20.21 18.52
CA GLU B 275 -2.48 -20.73 17.60
C GLU B 275 -1.52 -19.63 17.16
N MET B 276 -1.99 -18.38 17.12
CA MET B 276 -1.12 -17.28 16.77
C MET B 276 -0.01 -17.09 17.80
N LEU B 277 -0.36 -17.20 19.08
CA LEU B 277 0.65 -17.13 20.13
C LEU B 277 1.56 -18.36 20.12
N VAL B 278 1.02 -19.52 19.77
CA VAL B 278 1.82 -20.75 19.72
C VAL B 278 2.94 -20.60 18.69
N GLY B 279 2.59 -20.17 17.47
CA GLY B 279 3.60 -20.01 16.45
C GLY B 279 4.60 -18.92 16.77
N ALA B 280 4.15 -17.85 17.42
CA ALA B 280 5.09 -16.81 17.84
C ALA B 280 6.06 -17.34 18.89
N ALA B 281 5.56 -18.14 19.84
CA ALA B 281 6.45 -18.74 20.83
C ALA B 281 7.38 -19.77 20.21
N LEU B 282 6.85 -20.62 19.32
CA LEU B 282 7.70 -21.59 18.63
C LEU B 282 8.80 -20.90 17.84
N MET B 283 8.49 -19.75 17.23
CA MET B 283 9.49 -19.03 16.48
C MET B 283 10.57 -18.44 17.38
N ASP B 284 10.16 -17.87 18.52
CA ASP B 284 11.16 -17.24 19.38
C ASP B 284 12.10 -18.24 20.02
N GLU B 285 11.69 -19.51 20.12
CA GLU B 285 12.62 -20.54 20.64
C GLU B 285 13.78 -20.75 19.68
N GLU B 286 13.52 -20.75 18.37
CA GLU B 286 14.57 -20.94 17.39
C GLU B 286 15.43 -19.68 17.22
N THR B 287 14.83 -18.51 17.34
CA THR B 287 15.60 -17.28 17.21
C THR B 287 16.51 -17.01 18.41
N ARG B 288 16.54 -17.91 19.40
CA ARG B 288 17.50 -17.83 20.49
C ARG B 288 18.72 -18.70 20.25
N ASN B 289 18.71 -19.54 19.21
CA ASN B 289 19.84 -20.40 18.93
C ASN B 289 21.09 -19.57 18.67
N THR B 290 22.19 -19.96 19.31
CA THR B 290 23.44 -19.20 19.18
C THR B 290 24.15 -19.46 17.86
N VAL B 291 23.91 -20.62 17.25
CA VAL B 291 24.52 -20.92 15.94
C VAL B 291 23.83 -20.07 14.89
N VAL B 292 24.61 -19.24 14.19
CA VAL B 292 24.04 -18.24 13.30
C VAL B 292 23.39 -18.91 12.08
N LYS B 293 24.02 -19.95 11.54
CA LYS B 293 23.48 -20.61 10.35
C LYS B 293 22.14 -21.27 10.61
N GLU B 294 21.77 -21.48 11.87
CA GLU B 294 20.48 -22.07 12.21
C GLU B 294 19.61 -21.12 13.02
N ASN B 295 19.96 -19.84 13.07
CA ASN B 295 19.13 -18.82 13.69
C ASN B 295 18.47 -18.02 12.59
N PRO B 296 17.19 -18.23 12.28
CA PRO B 296 16.59 -17.56 11.11
C PRO B 296 16.47 -16.06 11.27
N ALA B 297 16.36 -15.55 12.49
CA ALA B 297 16.43 -14.11 12.70
C ALA B 297 17.83 -13.57 12.40
N ALA B 298 18.85 -14.40 12.62
CA ALA B 298 20.21 -13.98 12.28
C ALA B 298 20.43 -14.00 10.78
N LEU B 299 19.80 -14.95 10.07
CA LEU B 299 19.93 -15.01 8.62
C LEU B 299 19.34 -13.77 7.95
N LEU B 300 18.22 -13.27 8.46
CA LEU B 300 17.66 -12.04 7.90
C LEU B 300 18.51 -10.83 8.28
N ALA B 301 18.94 -10.75 9.54
CA ALA B 301 19.73 -9.62 9.99
C ALA B 301 21.05 -9.51 9.23
N LEU B 302 21.71 -10.64 8.98
CA LEU B 302 22.96 -10.60 8.23
C LEU B 302 22.72 -10.15 6.80
N SER B 303 21.69 -10.71 6.16
CA SER B 303 21.39 -10.37 4.78
C SER B 303 21.02 -8.89 4.63
N TRP B 304 20.27 -8.35 5.58
CA TRP B 304 20.02 -6.91 5.61
C TRP B 304 21.34 -6.15 5.74
N TYR B 305 22.14 -6.52 6.73
CA TYR B 305 23.43 -5.86 6.97
C TYR B 305 24.32 -5.93 5.73
N TRP B 306 24.28 -7.05 5.01
CA TRP B 306 25.12 -7.18 3.83
C TRP B 306 24.64 -6.29 2.70
N ALA B 307 23.37 -6.42 2.32
CA ALA B 307 22.85 -5.69 1.16
C ALA B 307 22.94 -4.18 1.37
N THR B 308 22.71 -3.71 2.59
CA THR B 308 22.76 -2.29 2.89
C THR B 308 24.12 -1.84 3.38
N ASP B 309 25.07 -2.76 3.51
CA ASP B 309 26.42 -2.46 4.00
C ASP B 309 26.38 -1.74 5.34
N GLY B 310 25.40 -2.12 6.17
CA GLY B 310 25.29 -1.65 7.53
C GLY B 310 24.69 -0.27 7.71
N ILE B 311 24.58 0.53 6.65
CA ILE B 311 24.18 1.92 6.80
C ILE B 311 22.87 2.21 6.05
N GLY B 312 22.11 1.18 5.70
CA GLY B 312 20.85 1.34 5.00
C GLY B 312 20.95 1.98 3.62
N SER B 313 21.91 1.57 2.82
CA SER B 313 22.10 2.12 1.47
C SER B 313 21.27 1.41 0.41
N LYS B 314 20.40 0.48 0.81
CA LYS B 314 19.51 -0.20 -0.12
C LYS B 314 18.17 -0.40 0.55
N ASP B 315 17.09 -0.25 -0.22
CA ASP B 315 15.76 -0.48 0.32
C ASP B 315 15.45 -1.97 0.34
N MET B 316 14.54 -2.35 1.24
CA MET B 316 14.09 -3.73 1.35
C MET B 316 12.72 -3.82 0.69
N VAL B 317 12.66 -4.41 -0.49
CA VAL B 317 11.41 -4.61 -1.20
C VAL B 317 10.81 -5.92 -0.74
N VAL B 318 9.60 -5.87 -0.18
CA VAL B 318 8.91 -7.03 0.36
C VAL B 318 7.80 -7.41 -0.61
N LEU B 319 7.92 -8.57 -1.25
CA LEU B 319 6.98 -9.05 -2.26
C LEU B 319 6.37 -10.37 -1.82
N PRO B 320 5.29 -10.34 -1.03
CA PRO B 320 4.57 -11.59 -0.72
C PRO B 320 3.65 -11.97 -1.87
N TYR B 321 3.76 -13.21 -2.33
CA TYR B 321 3.00 -13.68 -3.50
C TYR B 321 1.71 -14.37 -3.08
N LYS B 322 0.87 -13.59 -2.40
CA LYS B 322 -0.42 -14.07 -1.94
C LYS B 322 -1.27 -12.87 -1.52
N ASP B 323 -2.53 -12.86 -1.97
CA ASP B 323 -3.40 -11.70 -1.75
C ASP B 323 -3.68 -11.46 -0.27
N SER B 324 -3.74 -12.52 0.53
CA SER B 324 -4.03 -12.34 1.94
C SER B 324 -2.90 -11.62 2.67
N LEU B 325 -1.70 -11.59 2.10
CA LEU B 325 -0.57 -10.92 2.72
C LEU B 325 -0.29 -9.55 2.09
N LEU B 326 -1.32 -8.88 1.56
CA LEU B 326 -1.09 -7.61 0.89
C LEU B 326 -0.56 -6.55 1.84
N LEU B 327 -1.03 -6.56 3.09
CA LEU B 327 -0.68 -5.53 4.07
C LEU B 327 0.54 -5.90 4.91
N LEU B 328 1.40 -6.80 4.40
CA LEU B 328 2.58 -7.19 5.16
C LEU B 328 3.63 -6.09 5.17
N SER B 329 3.87 -5.44 4.04
CA SER B 329 4.93 -4.44 3.96
C SER B 329 4.56 -3.19 4.77
N ARG B 330 3.27 -2.82 4.78
CA ARG B 330 2.86 -1.68 5.59
C ARG B 330 3.05 -1.96 7.08
N TYR B 331 2.76 -3.19 7.50
CA TYR B 331 3.10 -3.59 8.86
C TYR B 331 4.62 -3.59 9.06
N LEU B 332 5.36 -4.15 8.11
CA LEU B 332 6.82 -4.19 8.26
C LEU B 332 7.44 -2.81 8.14
N GLN B 333 6.77 -1.88 7.43
CA GLN B 333 7.28 -0.51 7.36
C GLN B 333 7.39 0.10 8.75
N GLN B 334 6.41 -0.17 9.61
CA GLN B 334 6.46 0.38 10.96
C GLN B 334 7.50 -0.35 11.81
N LEU B 335 7.52 -1.68 11.74
CA LEU B 335 8.40 -2.45 12.60
C LEU B 335 9.88 -2.19 12.28
N VAL B 336 10.19 -1.96 11.00
CA VAL B 336 11.58 -1.79 10.58
C VAL B 336 12.01 -0.32 10.58
N MET B 337 11.25 0.54 9.90
CA MET B 337 11.67 1.93 9.71
C MET B 337 11.49 2.80 10.96
N GLU B 338 10.68 2.38 11.93
CA GLU B 338 10.57 3.11 13.17
C GLU B 338 11.53 2.61 14.24
N SER B 339 11.86 1.32 14.24
CA SER B 339 12.88 0.79 15.14
C SER B 339 14.27 1.21 14.67
N LEU B 340 14.53 1.10 13.38
CA LEU B 340 15.91 1.33 12.93
C LEU B 340 16.26 2.73 12.40
N GLY B 341 15.32 3.61 12.13
CA GLY B 341 15.72 4.93 11.60
C GLY B 341 16.12 5.90 12.69
N LYS B 342 17.26 5.65 13.31
CA LYS B 342 17.69 6.46 14.46
C LYS B 342 18.88 7.34 14.11
N GLU B 343 18.90 8.59 14.59
CA GLU B 343 19.98 9.57 14.30
C GLU B 343 21.21 9.33 15.15
N PHE B 344 21.03 8.80 16.34
CA PHE B 344 22.19 8.68 17.20
C PHE B 344 22.47 7.23 17.56
N ASP B 345 23.75 6.89 17.59
CA ASP B 345 24.22 5.62 18.11
C ASP B 345 23.93 5.51 19.60
N LEU B 346 24.01 4.28 20.12
CA LEU B 346 23.85 4.08 21.55
C LEU B 346 24.95 4.74 22.37
N ASP B 347 26.05 5.13 21.73
CA ASP B 347 27.17 5.79 22.41
C ASP B 347 27.18 7.30 22.16
N GLY B 348 26.07 7.86 21.71
CA GLY B 348 26.00 9.27 21.40
C GLY B 348 26.49 9.66 20.03
N ASN B 349 27.19 8.77 19.32
CA ASN B 349 27.67 9.07 17.98
C ASN B 349 26.50 9.31 17.03
N ARG B 350 26.72 10.19 16.05
CA ARG B 350 25.68 10.50 15.06
C ARG B 350 25.80 9.51 13.91
N VAL B 351 24.94 8.50 13.91
CA VAL B 351 24.76 7.60 12.78
C VAL B 351 23.31 7.71 12.35
N ASN B 352 23.08 8.12 11.11
CA ASN B 352 21.72 8.24 10.58
C ASN B 352 21.28 6.90 10.01
N GLN B 353 21.05 5.95 10.92
CA GLN B 353 20.69 4.59 10.54
C GLN B 353 19.34 4.56 9.83
N GLY B 354 18.96 3.40 9.31
CA GLY B 354 17.69 3.31 8.62
C GLY B 354 17.66 2.11 7.70
N LEU B 355 16.45 1.78 7.27
CA LEU B 355 16.26 0.65 6.38
C LEU B 355 14.87 0.83 5.74
N THR B 356 14.85 1.51 4.60
CA THR B 356 13.59 1.77 3.91
C THR B 356 12.93 0.46 3.49
N VAL B 357 11.61 0.39 3.65
CA VAL B 357 10.83 -0.78 3.32
C VAL B 357 9.63 -0.35 2.48
N TYR B 358 9.34 -1.10 1.43
CA TYR B 358 8.11 -0.92 0.65
C TYR B 358 7.88 -2.19 -0.15
N GLY B 359 6.71 -2.24 -0.79
CA GLY B 359 6.31 -3.39 -1.57
C GLY B 359 4.84 -3.68 -1.37
N ASN B 360 4.25 -4.40 -2.31
CA ASN B 360 2.84 -4.72 -2.20
C ASN B 360 2.63 -6.23 -2.21
N LYS B 361 2.47 -6.80 -3.40
CA LYS B 361 2.27 -8.24 -3.52
C LYS B 361 2.60 -8.66 -4.93
N GLY B 362 2.95 -9.95 -5.08
CA GLY B 362 3.11 -10.56 -6.37
C GLY B 362 1.87 -11.38 -6.74
N SER B 363 1.67 -11.58 -8.03
CA SER B 363 2.57 -11.08 -9.07
C SER B 363 2.13 -9.68 -9.55
N THR B 364 1.26 -9.05 -8.77
CA THR B 364 0.72 -7.75 -9.16
C THR B 364 1.83 -6.71 -9.33
N ASP B 365 2.84 -6.73 -8.45
CA ASP B 365 3.91 -5.75 -8.56
C ASP B 365 4.80 -5.98 -9.78
N GLN B 366 4.68 -7.14 -10.42
CA GLN B 366 5.46 -7.39 -11.63
C GLN B 366 5.10 -6.40 -12.73
N HIS B 367 3.82 -6.10 -12.87
CA HIS B 367 3.31 -5.12 -13.82
C HIS B 367 3.29 -3.71 -13.25
N ALA B 368 4.06 -3.44 -12.20
CA ALA B 368 4.12 -2.11 -11.61
C ALA B 368 5.52 -1.52 -11.65
N TYR B 369 6.50 -2.15 -10.98
CA TYR B 369 7.82 -1.55 -10.89
C TYR B 369 8.94 -2.58 -10.98
N ILE B 370 8.64 -3.83 -11.31
CA ILE B 370 9.71 -4.79 -11.55
C ILE B 370 10.55 -4.39 -12.76
N GLN B 371 9.99 -3.59 -13.67
CA GLN B 371 10.79 -2.97 -14.71
C GLN B 371 12.04 -2.30 -14.12
N GLN B 372 11.83 -1.44 -13.13
CA GLN B 372 12.97 -0.77 -12.49
C GLN B 372 13.77 -1.73 -11.62
N LEU B 373 13.10 -2.70 -11.00
CA LEU B 373 13.83 -3.68 -10.20
C LEU B 373 14.74 -4.54 -11.08
N ARG B 374 14.29 -4.89 -12.28
CA ARG B 374 15.08 -5.78 -13.14
C ARG B 374 16.29 -5.07 -13.73
N GLU B 375 16.09 -3.85 -14.25
CA GLU B 375 17.15 -3.19 -15.01
C GLU B 375 17.36 -1.73 -14.66
N GLY B 376 16.62 -1.18 -13.70
CA GLY B 376 16.79 0.21 -13.29
C GLY B 376 17.84 0.38 -12.20
N VAL B 377 17.61 1.37 -11.33
CA VAL B 377 18.57 1.70 -10.29
C VAL B 377 18.73 0.53 -9.33
N HIS B 378 20.00 0.14 -9.10
CA HIS B 378 20.32 -0.97 -8.22
C HIS B 378 20.51 -0.42 -6.80
N ASN B 379 19.38 -0.12 -6.16
CA ASN B 379 19.39 0.48 -4.83
C ASN B 379 18.49 -0.30 -3.86
N PHE B 380 18.42 -1.62 -4.00
CA PHE B 380 17.41 -2.38 -3.29
C PHE B 380 17.83 -3.83 -3.17
N PHE B 381 17.08 -4.57 -2.35
CA PHE B 381 17.09 -6.02 -2.33
C PHE B 381 15.68 -6.49 -2.01
N VAL B 382 15.34 -7.69 -2.48
CA VAL B 382 13.98 -8.20 -2.42
C VAL B 382 13.88 -9.29 -1.35
N THR B 383 12.71 -9.38 -0.71
CA THR B 383 12.36 -10.48 0.18
C THR B 383 11.06 -11.10 -0.31
N PHE B 384 11.15 -12.29 -0.89
CA PHE B 384 9.98 -13.01 -1.39
C PHE B 384 9.34 -13.81 -0.26
N ILE B 385 8.01 -13.71 -0.14
CA ILE B 385 7.24 -14.56 0.76
C ILE B 385 6.42 -15.50 -0.12
N GLU B 386 6.75 -16.79 -0.05
CA GLU B 386 6.12 -17.81 -0.86
C GLU B 386 5.22 -18.67 0.03
N VAL B 387 4.06 -19.03 -0.49
CA VAL B 387 3.12 -19.90 0.22
C VAL B 387 2.86 -21.13 -0.63
N LEU B 388 3.07 -22.31 -0.05
CA LEU B 388 2.94 -23.54 -0.81
C LEU B 388 1.48 -23.87 -1.07
N ARG B 389 0.67 -23.97 -0.02
CA ARG B 389 -0.77 -24.17 -0.19
C ARG B 389 -1.37 -22.97 -0.89
N ASP B 390 -1.87 -23.15 -2.12
CA ASP B 390 -2.36 -22.03 -2.90
C ASP B 390 -3.87 -21.94 -2.92
N ARG B 391 -4.57 -22.90 -2.31
CA ARG B 391 -6.01 -22.97 -2.49
C ARG B 391 -6.63 -23.77 -1.35
N PRO B 392 -7.81 -23.40 -0.88
CA PRO B 392 -8.52 -24.24 0.09
C PRO B 392 -8.76 -25.62 -0.47
N PRO B 393 -8.63 -26.66 0.35
CA PRO B 393 -8.80 -28.04 -0.14
C PRO B 393 -10.17 -28.25 -0.77
N GLY B 394 -10.18 -28.94 -1.91
CA GLY B 394 -11.39 -29.18 -2.65
C GLY B 394 -11.70 -28.18 -3.75
N HIS B 395 -10.90 -27.13 -3.89
CA HIS B 395 -11.11 -26.10 -4.90
C HIS B 395 -10.10 -26.15 -6.04
N ASP B 396 -9.08 -27.01 -5.96
CA ASP B 396 -8.02 -27.00 -6.94
C ASP B 396 -8.45 -27.73 -8.20
N TRP B 397 -8.32 -27.07 -9.35
CA TRP B 397 -8.60 -27.67 -10.64
C TRP B 397 -7.58 -27.13 -11.64
N GLU B 398 -7.45 -27.82 -12.76
CA GLU B 398 -6.41 -27.53 -13.74
C GLU B 398 -6.97 -26.68 -14.87
N LEU B 399 -6.40 -25.48 -15.06
CA LEU B 399 -6.81 -24.59 -16.13
C LEU B 399 -6.50 -25.18 -17.50
N GLU B 400 -5.25 -25.56 -17.71
CA GLU B 400 -4.83 -26.25 -18.91
C GLU B 400 -4.26 -27.60 -18.48
N PRO B 401 -4.04 -28.56 -19.40
CA PRO B 401 -3.58 -29.89 -18.98
C PRO B 401 -2.28 -29.87 -18.18
N GLY B 402 -2.37 -30.20 -16.89
CA GLY B 402 -1.22 -30.37 -16.05
C GLY B 402 -0.77 -29.16 -15.25
N VAL B 403 -1.52 -28.07 -15.27
CA VAL B 403 -1.13 -26.84 -14.57
C VAL B 403 -2.37 -26.17 -14.00
N THR B 404 -2.35 -25.91 -12.69
CA THR B 404 -3.43 -25.22 -12.01
C THR B 404 -3.13 -23.73 -11.94
N CYS B 405 -4.08 -22.96 -11.40
CA CYS B 405 -3.89 -21.51 -11.28
C CYS B 405 -2.73 -21.19 -10.35
N GLY B 406 -2.50 -22.02 -9.33
CA GLY B 406 -1.39 -21.81 -8.43
C GLY B 406 -0.03 -22.07 -9.04
N ASP B 407 0.04 -22.91 -10.07
CA ASP B 407 1.31 -23.14 -10.75
C ASP B 407 1.80 -21.87 -11.44
N TYR B 408 0.89 -21.06 -11.96
CA TYR B 408 1.28 -19.77 -12.54
C TYR B 408 1.80 -18.83 -11.47
N LEU B 409 1.12 -18.74 -10.32
CA LEU B 409 1.61 -17.93 -9.22
C LEU B 409 3.01 -18.35 -8.80
N PHE B 410 3.22 -19.66 -8.63
CA PHE B 410 4.55 -20.17 -8.26
C PHE B 410 5.58 -19.83 -9.34
N GLY B 411 5.20 -19.98 -10.61
CA GLY B 411 6.12 -19.67 -11.69
C GLY B 411 6.45 -18.19 -11.79
N MET B 412 5.49 -17.32 -11.45
CA MET B 412 5.77 -15.89 -11.46
C MET B 412 6.85 -15.54 -10.44
N LEU B 413 6.79 -16.13 -9.24
CA LEU B 413 7.77 -15.82 -8.21
C LEU B 413 9.15 -16.35 -8.61
N GLN B 414 9.24 -17.61 -9.03
CA GLN B 414 10.52 -18.17 -9.42
C GLN B 414 11.10 -17.46 -10.63
N GLY B 415 10.24 -17.00 -11.54
CA GLY B 415 10.73 -16.29 -12.70
C GLY B 415 11.28 -14.91 -12.36
N THR B 416 10.65 -14.23 -11.40
CA THR B 416 11.13 -12.92 -10.98
C THR B 416 12.40 -13.05 -10.16
N ARG B 417 12.43 -13.99 -9.22
CA ARG B 417 13.63 -14.23 -8.42
C ARG B 417 14.83 -14.55 -9.31
N SER B 418 14.59 -15.34 -10.37
CA SER B 418 15.67 -15.69 -11.28
C SER B 418 16.07 -14.49 -12.14
N ALA B 419 15.08 -13.80 -12.72
CA ALA B 419 15.38 -12.68 -13.60
C ALA B 419 16.04 -11.53 -12.86
N LEU B 420 15.77 -11.38 -11.56
CA LEU B 420 16.42 -10.33 -10.80
C LEU B 420 17.85 -10.70 -10.44
N TYR B 421 18.08 -11.94 -10.01
CA TYR B 421 19.43 -12.35 -9.62
C TYR B 421 20.39 -12.34 -10.81
N SER B 422 19.88 -12.61 -12.02
CA SER B 422 20.74 -12.57 -13.20
C SER B 422 21.36 -11.19 -13.40
N ASN B 423 20.65 -10.13 -13.01
CA ASN B 423 21.15 -8.77 -13.14
C ASN B 423 21.74 -8.25 -11.83
N ASP B 424 22.22 -9.16 -10.98
CA ASP B 424 22.92 -8.83 -9.73
C ASP B 424 22.02 -8.17 -8.70
N ARG B 425 20.73 -8.47 -8.72
CA ARG B 425 19.77 -7.97 -7.74
C ARG B 425 19.52 -9.08 -6.73
N GLU B 426 20.05 -8.91 -5.52
CA GLU B 426 20.00 -9.97 -4.52
C GLU B 426 18.60 -10.09 -3.91
N SER B 427 18.33 -11.23 -3.29
CA SER B 427 16.99 -11.48 -2.76
C SER B 427 17.05 -12.49 -1.63
N ILE B 428 15.99 -12.48 -0.82
CA ILE B 428 15.75 -13.47 0.22
C ILE B 428 14.40 -14.12 -0.05
N SER B 429 14.29 -15.40 0.28
CA SER B 429 13.06 -16.16 0.08
C SER B 429 12.59 -16.74 1.41
N VAL B 430 11.39 -16.35 1.83
CA VAL B 430 10.73 -16.91 3.00
C VAL B 430 9.55 -17.73 2.52
N THR B 431 9.45 -18.97 2.99
CA THR B 431 8.42 -19.89 2.54
C THR B 431 7.65 -20.43 3.72
N VAL B 432 6.33 -20.32 3.67
CA VAL B 432 5.44 -20.97 4.61
C VAL B 432 4.59 -21.97 3.85
N GLU B 433 4.12 -23.01 4.55
CA GLU B 433 3.29 -24.00 3.89
C GLU B 433 1.89 -23.45 3.62
N GLU B 434 1.37 -22.64 4.54
CA GLU B 434 0.03 -22.08 4.40
C GLU B 434 -0.09 -20.88 5.34
N VAL B 435 -0.90 -19.91 4.92
CA VAL B 435 -1.16 -18.73 5.74
C VAL B 435 -2.18 -19.10 6.80
N THR B 436 -1.72 -19.64 7.92
CA THR B 436 -2.54 -20.06 9.05
C THR B 436 -2.27 -19.18 10.26
N PRO B 437 -3.17 -19.20 11.26
CA PRO B 437 -2.89 -18.46 12.50
C PRO B 437 -1.50 -18.70 13.06
N ARG B 438 -1.06 -19.96 13.11
CA ARG B 438 0.25 -20.28 13.64
C ARG B 438 1.37 -19.72 12.77
N ALA B 439 1.17 -19.67 11.45
CA ALA B 439 2.23 -19.19 10.56
C ALA B 439 2.39 -17.68 10.63
N VAL B 440 1.27 -16.95 10.75
CA VAL B 440 1.32 -15.49 10.84
C VAL B 440 2.00 -15.05 12.13
N GLY B 441 1.66 -15.70 13.25
CA GLY B 441 2.31 -15.38 14.50
C GLY B 441 3.81 -15.64 14.46
N ALA B 442 4.21 -16.74 13.83
CA ALA B 442 5.63 -17.04 13.70
C ALA B 442 6.33 -16.04 12.79
N LEU B 443 5.68 -15.67 11.68
CA LEU B 443 6.28 -14.70 10.77
C LEU B 443 6.40 -13.32 11.41
N VAL B 444 5.43 -12.95 12.25
CA VAL B 444 5.53 -11.69 13.00
C VAL B 444 6.69 -11.75 13.99
N ALA B 445 6.79 -12.85 14.74
CA ALA B 445 7.87 -12.99 15.73
C ALA B 445 9.22 -13.10 15.05
N LEU B 446 9.29 -13.59 13.81
CA LEU B 446 10.56 -13.68 13.12
C LEU B 446 11.14 -12.31 12.84
N TYR B 447 10.32 -11.39 12.32
CA TYR B 447 10.77 -10.04 11.99
C TYR B 447 10.98 -9.15 13.22
N GLU B 448 10.28 -9.41 14.32
CA GLU B 448 10.56 -8.66 15.54
C GLU B 448 11.97 -8.95 16.05
N ARG B 449 12.33 -10.23 16.11
CA ARG B 449 13.67 -10.58 16.59
C ARG B 449 14.74 -10.14 15.61
N ALA B 450 14.49 -10.27 14.31
CA ALA B 450 15.48 -9.88 13.31
C ALA B 450 15.78 -8.40 13.39
N VAL B 451 14.76 -7.57 13.62
CA VAL B 451 14.97 -6.13 13.78
C VAL B 451 15.75 -5.84 15.06
N GLY B 452 15.38 -6.50 16.16
CA GLY B 452 16.11 -6.30 17.39
C GLY B 452 17.56 -6.73 17.29
N ILE B 453 17.81 -7.85 16.60
CA ILE B 453 19.18 -8.31 16.40
C ILE B 453 19.95 -7.33 15.53
N TYR B 454 19.32 -6.82 14.46
CA TYR B 454 20.00 -5.87 13.58
C TYR B 454 20.37 -4.59 14.32
N ALA B 455 19.51 -4.14 15.24
CA ALA B 455 19.81 -2.94 16.00
C ALA B 455 21.05 -3.11 16.85
N SER B 456 21.27 -4.31 17.38
CA SER B 456 22.50 -4.56 18.14
C SER B 456 23.72 -4.49 17.24
N LEU B 457 23.59 -4.92 15.97
CA LEU B 457 24.72 -4.92 15.05
C LEU B 457 25.19 -3.51 14.74
N VAL B 458 24.27 -2.56 14.63
CA VAL B 458 24.60 -1.16 14.36
C VAL B 458 24.63 -0.33 15.63
N ASN B 459 24.44 -0.95 16.80
CA ASN B 459 24.59 -0.28 18.10
C ASN B 459 23.62 0.90 18.25
N ILE B 460 22.35 0.65 17.94
CA ILE B 460 21.32 1.67 18.12
C ILE B 460 20.23 1.11 19.02
N ASN B 461 19.41 2.02 19.55
CA ASN B 461 18.26 1.67 20.38
C ASN B 461 17.03 1.60 19.49
N ALA B 462 16.37 0.43 19.48
CA ALA B 462 15.29 0.17 18.55
C ALA B 462 13.90 0.28 19.18
N TYR B 463 13.79 0.78 20.41
CA TYR B 463 12.54 0.72 21.14
C TYR B 463 11.98 2.07 21.57
N HIS B 464 12.64 3.17 21.26
CA HIS B 464 12.12 4.51 21.49
C HIS B 464 11.84 5.20 20.16
N GLN B 465 11.13 6.33 20.23
CA GLN B 465 10.67 7.06 19.04
C GLN B 465 10.92 8.55 19.21
N PRO B 466 12.19 8.96 19.24
CA PRO B 466 12.45 10.39 19.45
C PRO B 466 12.10 11.25 18.25
N GLY B 467 12.15 10.70 17.04
CA GLY B 467 11.96 11.48 15.83
C GLY B 467 10.54 11.85 15.48
N VAL B 468 9.54 11.21 16.12
CA VAL B 468 8.14 11.48 15.79
C VAL B 468 7.55 12.65 16.57
N GLU B 469 8.24 13.16 17.58
CA GLU B 469 7.70 14.21 18.41
C GLU B 469 7.76 15.58 17.74
N ALA B 470 8.75 15.82 16.88
CA ALA B 470 8.90 17.14 16.28
C ALA B 470 7.72 17.49 15.38
N GLY B 471 7.11 16.48 14.75
CA GLY B 471 5.93 16.75 13.94
C GLY B 471 4.69 17.03 14.80
N LYS B 472 4.52 16.27 15.88
CA LYS B 472 3.39 16.49 16.78
C LYS B 472 3.48 17.85 17.45
N LYS B 473 4.69 18.24 17.85
CA LYS B 473 4.86 19.54 18.49
C LYS B 473 4.64 20.68 17.49
N ALA B 474 5.20 20.57 16.28
CA ALA B 474 4.98 21.61 15.29
C ALA B 474 3.53 21.65 14.84
N ALA B 475 2.83 20.51 14.85
CA ALA B 475 1.41 20.51 14.53
C ALA B 475 0.58 21.25 15.57
N GLY B 476 1.00 21.19 16.83
CA GLY B 476 0.32 21.97 17.85
C GLY B 476 0.56 23.46 17.73
N GLU B 477 1.75 23.85 17.26
CA GLU B 477 2.05 25.26 17.05
C GLU B 477 1.14 25.86 15.97
N VAL B 478 0.85 25.09 14.92
CA VAL B 478 0.01 25.60 13.84
C VAL B 478 -1.42 25.84 14.34
N LEU B 479 -1.96 24.90 15.12
CA LEU B 479 -3.32 25.05 15.62
C LEU B 479 -3.42 26.19 16.64
N ALA B 480 -2.40 26.35 17.48
CA ALA B 480 -2.37 27.50 18.38
C ALA B 480 -2.26 28.81 17.61
N LEU B 481 -1.56 28.79 16.47
CA LEU B 481 -1.52 29.97 15.63
C LEU B 481 -2.87 30.25 14.99
N GLN B 482 -3.59 29.18 14.60
CA GLN B 482 -4.91 29.37 14.02
C GLN B 482 -5.85 30.06 15.00
N LYS B 483 -5.82 29.67 16.27
CA LYS B 483 -6.67 30.30 17.26
C LYS B 483 -6.26 31.75 17.51
N ARG B 484 -4.96 32.07 17.36
CA ARG B 484 -4.55 33.46 17.46
C ARG B 484 -4.97 34.25 16.22
N VAL B 485 -4.92 33.61 15.05
CA VAL B 485 -5.38 34.25 13.82
C VAL B 485 -6.88 34.51 13.90
N LEU B 486 -7.64 33.54 14.42
CA LEU B 486 -9.10 33.72 14.53
C LEU B 486 -9.45 34.86 15.48
N THR B 487 -8.65 35.06 16.53
CA THR B 487 -8.92 36.17 17.45
C THR B 487 -8.72 37.51 16.74
N VAL B 488 -7.72 37.60 15.87
CA VAL B 488 -7.45 38.85 15.15
C VAL B 488 -8.53 39.10 14.10
N LEU B 489 -8.97 38.04 13.42
CA LEU B 489 -10.00 38.19 12.39
C LEU B 489 -11.35 38.55 13.00
N ASN B 490 -11.70 37.93 14.13
CA ASN B 490 -12.99 38.24 14.74
C ASN B 490 -13.02 39.65 15.31
N GLU B 491 -11.87 40.18 15.75
CA GLU B 491 -11.83 41.57 16.18
C GLU B 491 -12.04 42.50 15.00
N ALA B 492 -11.44 42.19 13.85
CA ALA B 492 -11.61 43.05 12.69
C ALA B 492 -13.00 42.93 12.09
N SER B 493 -13.68 41.79 12.26
CA SER B 493 -15.00 41.59 11.72
C SER B 493 -16.12 42.10 12.62
N CYS B 494 -15.82 42.48 13.86
CA CYS B 494 -16.82 43.03 14.76
C CYS B 494 -16.63 44.53 14.99
N LYS B 495 -15.99 45.19 14.04
CA LYS B 495 -16.13 46.65 13.82
C LYS B 495 -17.28 46.90 12.84
N ASP B 496 -18.15 47.87 13.15
CA ASP B 496 -19.28 48.34 12.29
C ASP B 496 -18.68 48.80 10.98
N PRO B 497 -17.56 49.54 11.01
CA PRO B 497 -16.84 49.81 9.77
C PRO B 497 -15.97 48.55 9.64
N ALA B 498 -16.44 47.51 8.93
CA ALA B 498 -15.71 46.22 8.85
C ALA B 498 -14.33 46.35 8.21
N GLU B 499 -13.37 45.56 8.67
CA GLU B 499 -11.95 45.83 8.36
C GLU B 499 -11.27 44.65 7.66
N PRO B 500 -11.07 44.70 6.33
CA PRO B 500 -10.33 43.64 5.64
C PRO B 500 -8.84 43.70 5.96
N LEU B 501 -8.23 42.54 6.22
CA LEU B 501 -6.82 42.53 6.66
C LEU B 501 -5.96 41.72 5.70
N THR B 502 -4.72 42.17 5.55
CA THR B 502 -3.73 41.53 4.72
C THR B 502 -2.90 40.56 5.54
N LEU B 503 -2.16 39.69 4.83
CA LEU B 503 -1.33 38.70 5.51
C LEU B 503 -0.28 39.35 6.39
N GLU B 504 0.35 40.42 5.91
CA GLU B 504 1.36 41.11 6.72
C GLU B 504 0.72 41.74 7.96
N GLN B 505 -0.48 42.31 7.81
CA GLN B 505 -1.18 42.89 8.96
C GLN B 505 -1.54 41.82 9.99
N ILE B 506 -2.01 40.66 9.53
CA ILE B 506 -2.44 39.61 10.44
C ILE B 506 -1.23 39.07 11.22
N ALA B 507 -0.11 38.89 10.55
CA ALA B 507 1.09 38.41 11.22
C ALA B 507 1.61 39.40 12.25
N ASP B 508 1.37 40.70 12.03
CA ASP B 508 1.85 41.72 12.97
C ASP B 508 0.90 41.86 14.16
N ARG B 509 -0.40 41.78 13.94
CA ARG B 509 -1.34 41.82 15.06
C ARG B 509 -1.27 40.55 15.90
N CYS B 510 -0.87 39.43 15.30
CA CYS B 510 -0.52 38.25 16.07
C CYS B 510 0.87 38.34 16.68
N HIS B 511 1.60 39.42 16.36
CA HIS B 511 2.93 39.66 16.89
C HIS B 511 3.87 38.50 16.58
N CYS B 512 3.84 38.07 15.31
CA CYS B 512 4.75 37.03 14.83
C CYS B 512 4.86 37.17 13.31
N PRO B 513 5.65 38.14 12.84
CA PRO B 513 5.81 38.33 11.39
C PRO B 513 6.55 37.19 10.71
N GLU B 514 7.39 36.44 11.43
CA GLU B 514 8.10 35.33 10.83
C GLU B 514 7.20 34.17 10.48
N ASP B 515 6.07 34.03 11.18
CA ASP B 515 5.12 32.94 10.94
C ASP B 515 4.13 33.27 9.83
N ILE B 516 4.45 34.24 8.96
CA ILE B 516 3.48 34.71 7.97
C ILE B 516 3.12 33.61 6.98
N GLU B 517 4.07 32.71 6.66
CA GLU B 517 3.78 31.66 5.70
C GLU B 517 2.78 30.66 6.26
N MET B 518 2.88 30.34 7.55
CA MET B 518 1.91 29.45 8.16
C MET B 518 0.55 30.11 8.30
N ILE B 519 0.53 31.43 8.43
CA ILE B 519 -0.75 32.14 8.51
C ILE B 519 -1.48 32.07 7.18
N TYR B 520 -0.74 32.20 6.08
CA TYR B 520 -1.37 32.08 4.76
C TYR B 520 -2.03 30.73 4.57
N LYS B 521 -1.36 29.65 4.99
CA LYS B 521 -1.94 28.31 4.85
C LYS B 521 -3.14 28.13 5.78
N ILE B 522 -3.09 28.71 6.98
CA ILE B 522 -4.23 28.63 7.90
C ILE B 522 -5.45 29.31 7.28
N ILE B 523 -5.25 30.50 6.72
CA ILE B 523 -6.38 31.22 6.11
C ILE B 523 -6.84 30.51 4.84
N GLN B 524 -5.91 29.96 4.06
CA GLN B 524 -6.29 29.22 2.86
C GLN B 524 -7.15 28.01 3.21
N HIS B 525 -6.75 27.25 4.23
CA HIS B 525 -7.53 26.08 4.64
C HIS B 525 -8.87 26.48 5.22
N MET B 526 -8.94 27.64 5.89
CA MET B 526 -10.21 28.08 6.48
C MET B 526 -11.16 28.61 5.42
N ALA B 527 -10.63 29.30 4.41
CA ALA B 527 -11.48 29.82 3.34
C ALA B 527 -12.16 28.69 2.57
N ALA B 528 -11.47 27.55 2.42
CA ALA B 528 -12.04 26.43 1.69
C ALA B 528 -13.12 25.71 2.48
N ASN B 529 -13.16 25.92 3.80
CA ASN B 529 -14.15 25.29 4.66
C ASN B 529 -15.19 26.30 5.16
N ASP B 530 -15.39 27.39 4.42
CA ASP B 530 -16.41 28.39 4.72
C ASP B 530 -16.23 28.99 6.11
N ARG B 531 -14.98 29.17 6.52
CA ARG B 531 -14.64 29.77 7.80
C ARG B 531 -13.88 31.07 7.65
N ALA B 532 -13.72 31.55 6.42
CA ALA B 532 -13.07 32.83 6.13
C ALA B 532 -13.40 33.20 4.70
N LEU B 533 -13.21 34.48 4.39
CA LEU B 533 -13.46 35.03 3.07
C LEU B 533 -12.22 35.75 2.58
N ILE B 534 -12.01 35.71 1.27
CA ILE B 534 -10.87 36.39 0.66
C ILE B 534 -11.30 37.66 -0.06
#